data_1M4H
#
_entry.id   1M4H
#
_cell.length_a   86.450
_cell.length_b   88.787
_cell.length_c   130.954
_cell.angle_alpha   90.00
_cell.angle_beta   90.00
_cell.angle_gamma   90.00
#
_symmetry.space_group_name_H-M   'P 21 21 21'
#
loop_
_entity.id
_entity.type
_entity.pdbx_description
1 polymer beta-Secretase
2 polymer 'Inhibitor OM00-3'
3 water water
#
loop_
_entity_poly.entity_id
_entity_poly.type
_entity_poly.pdbx_seq_one_letter_code
_entity_poly.pdbx_strand_id
1 'polypeptide(L)'
;RRGSFVEMVDNLRGKSGQGYYVEMTVGSPPQTLNILVDTGSSNFAVGAAPHPFLHRYYQRQLSSTYRDLRKGVYVPYTQG
KWEGELGTDLVSIPHGPNVTVRANIAAITESDKFFINGSNWEGILGLAYAEIARPDDSLEPFFDSLVKQTHVPNLFSLQL
CGAGFPLNQSEVLASVGGSMIIGGIDHSLYTGSLWYTPIRREWYYEVIIVRVEINGQDLKMDCKEYNYDKSIVDSGTTNL
RLPKKVFEAAVKSIKAASSTEKFPDGFWLGEQLVCWQAGTTPWNIFPVISLYLMGEVTNQSFRITILPQQYLRPVEDVAT
SQDDCYKFAISQSSTGTVMGAVIMEGFYVVFDRARKRIGFAVSACHVHDEFRTAAVEGPFVTLDMEDCGYN
;
A,B
2 'polypeptide(L)' ELD(1OL)VEF C,D
#
loop_
_chem_comp.id
_chem_comp.type
_chem_comp.name
_chem_comp.formula
1OL peptide-like '(2R,4S,5S)-5-amino-4-hydroxy-2,7-dimethyloctanoic acid' 'C10 H21 N O3'
#
# COMPACT_ATOMS: atom_id res chain seq x y z
N ARG A 1 22.47 16.22 -1.66
CA ARG A 1 22.60 14.87 -2.33
C ARG A 1 22.53 13.70 -1.34
N ARG A 2 23.27 13.80 -0.24
CA ARG A 2 23.30 12.73 0.76
C ARG A 2 22.22 12.83 1.84
N GLY A 3 22.37 13.80 2.74
CA GLY A 3 21.41 13.97 3.82
C GLY A 3 22.06 13.64 5.15
N SER A 4 21.97 12.37 5.55
CA SER A 4 22.58 11.87 6.77
C SER A 4 21.87 12.04 8.11
N PHE A 5 20.58 11.75 8.16
CA PHE A 5 19.82 11.81 9.41
C PHE A 5 18.75 10.73 9.31
N VAL A 6 19.18 9.56 8.86
CA VAL A 6 18.33 8.40 8.63
C VAL A 6 17.36 7.94 9.72
N GLU A 7 17.73 8.08 11.00
CA GLU A 7 16.83 7.64 12.06
C GLU A 7 15.58 8.51 12.14
N MET A 8 15.67 9.74 11.64
CA MET A 8 14.54 10.65 11.69
C MET A 8 13.77 10.78 10.37
N VAL A 9 14.40 10.37 9.27
CA VAL A 9 13.75 10.43 7.96
C VAL A 9 12.51 9.53 7.99
N ASP A 10 11.40 10.02 7.42
CA ASP A 10 10.11 9.29 7.37
C ASP A 10 9.49 9.02 8.73
N ASN A 11 9.65 9.91 9.71
CA ASN A 11 9.08 9.67 11.03
C ASN A 11 7.71 10.31 11.24
N LEU A 12 7.14 10.87 10.17
CA LEU A 12 5.83 11.52 10.28
C LEU A 12 4.75 10.77 9.55
N ARG A 13 3.51 10.95 10.03
CA ARG A 13 2.34 10.37 9.41
C ARG A 13 1.21 11.43 9.39
N GLY A 14 0.24 11.25 8.48
CA GLY A 14 -0.87 12.16 8.40
C GLY A 14 -1.04 12.84 7.04
N LYS A 15 -1.83 13.90 7.02
CA LYS A 15 -2.10 14.64 5.77
C LYS A 15 -2.49 16.08 6.08
N SER A 16 -2.49 16.94 5.07
CA SER A 16 -2.79 18.37 5.26
C SER A 16 -4.07 18.67 6.04
N GLY A 17 -5.14 17.96 5.72
CA GLY A 17 -6.41 18.20 6.39
C GLY A 17 -6.54 17.76 7.85
N GLN A 18 -5.73 16.82 8.29
CA GLN A 18 -5.81 16.34 9.68
C GLN A 18 -4.53 16.55 10.46
N GLY A 19 -3.50 17.06 9.79
CA GLY A 19 -2.24 17.30 10.45
C GLY A 19 -1.21 16.19 10.39
N TYR A 20 0.03 16.57 10.53
CA TYR A 20 1.13 15.63 10.51
C TYR A 20 1.57 15.43 11.95
N TYR A 21 1.75 14.17 12.33
CA TYR A 21 2.15 13.87 13.70
C TYR A 21 3.40 12.99 13.82
N VAL A 22 4.03 13.02 14.98
CA VAL A 22 5.23 12.24 15.24
C VAL A 22 5.00 11.46 16.52
N GLU A 23 5.67 10.33 16.64
CA GLU A 23 5.53 9.47 17.81
C GLU A 23 6.39 9.97 18.94
N MET A 24 5.84 10.02 20.15
CA MET A 24 6.59 10.44 21.34
C MET A 24 6.20 9.58 22.52
N THR A 25 7.02 9.63 23.56
CA THR A 25 6.72 8.91 24.77
C THR A 25 6.79 9.90 25.92
N VAL A 26 5.95 9.72 26.94
CA VAL A 26 6.01 10.61 28.09
C VAL A 26 5.84 9.74 29.33
N GLY A 27 6.53 10.11 30.40
CA GLY A 27 6.41 9.36 31.63
C GLY A 27 7.35 8.16 31.76
N SER A 28 7.35 7.59 32.97
CA SER A 28 8.13 6.42 33.32
C SER A 28 7.19 5.44 34.04
N PRO A 29 6.96 4.25 33.46
CA PRO A 29 7.53 3.82 32.18
C PRO A 29 6.94 4.64 31.03
N PRO A 30 7.60 4.62 29.86
CA PRO A 30 7.18 5.36 28.66
C PRO A 30 5.75 5.11 28.17
N GLN A 31 4.99 6.17 27.98
CA GLN A 31 3.64 6.03 27.43
C GLN A 31 3.71 6.60 26.01
N THR A 32 3.43 5.74 25.04
CA THR A 32 3.49 6.12 23.65
C THR A 32 2.28 6.93 23.19
N LEU A 33 2.56 8.10 22.60
CA LEU A 33 1.52 9.00 22.09
C LEU A 33 1.89 9.65 20.75
N ASN A 34 0.87 9.89 19.93
CA ASN A 34 1.03 10.52 18.63
C ASN A 34 0.79 11.99 18.83
N ILE A 35 1.79 12.79 18.43
CA ILE A 35 1.76 14.23 18.64
C ILE A 35 1.84 15.07 17.36
N LEU A 36 0.83 15.90 17.17
CA LEU A 36 0.73 16.77 16.01
C LEU A 36 1.86 17.78 15.98
N VAL A 37 2.53 17.91 14.84
CA VAL A 37 3.62 18.87 14.76
C VAL A 37 3.01 20.20 14.39
N ASP A 38 3.08 21.17 15.31
CA ASP A 38 2.50 22.49 15.11
C ASP A 38 3.43 23.70 15.33
N THR A 39 3.94 24.27 14.24
CA THR A 39 4.83 25.42 14.39
C THR A 39 4.09 26.71 14.68
N GLY A 40 2.76 26.66 14.74
CA GLY A 40 1.95 27.85 14.99
C GLY A 40 1.58 28.12 16.45
N SER A 41 2.15 27.34 17.36
CA SER A 41 1.89 27.51 18.79
C SER A 41 3.15 27.10 19.57
N SER A 42 3.14 27.32 20.88
CA SER A 42 4.28 27.00 21.72
C SER A 42 4.00 26.13 22.97
N ASN A 43 2.85 25.47 23.00
CA ASN A 43 2.53 24.60 24.12
C ASN A 43 2.52 23.14 23.75
N PHE A 44 3.19 22.33 24.56
CA PHE A 44 3.22 20.89 24.39
C PHE A 44 2.09 20.42 25.32
N ALA A 45 1.05 19.79 24.76
CA ALA A 45 -0.07 19.31 25.59
C ALA A 45 -0.57 17.97 25.08
N VAL A 46 -1.23 17.21 25.93
CA VAL A 46 -1.74 15.92 25.51
C VAL A 46 -3.06 15.58 26.20
N GLY A 47 -3.92 14.87 25.47
CA GLY A 47 -5.17 14.45 26.07
C GLY A 47 -4.79 13.67 27.32
N ALA A 48 -5.42 13.99 28.44
CA ALA A 48 -5.10 13.29 29.68
C ALA A 48 -6.32 12.60 30.23
N ALA A 49 -7.32 12.38 29.38
CA ALA A 49 -8.55 11.70 29.80
C ALA A 49 -9.31 11.19 28.57
N PRO A 50 -10.18 10.20 28.77
CA PRO A 50 -10.95 9.64 27.66
C PRO A 50 -11.71 10.68 26.85
N HIS A 51 -11.75 10.46 25.55
CA HIS A 51 -12.43 11.34 24.64
C HIS A 51 -12.83 10.46 23.46
N PRO A 52 -14.03 10.68 22.89
CA PRO A 52 -14.51 9.88 21.75
C PRO A 52 -13.52 9.73 20.60
N PHE A 53 -12.74 10.79 20.35
CA PHE A 53 -11.78 10.77 19.24
C PHE A 53 -10.36 10.39 19.65
N LEU A 54 -10.20 9.84 20.85
CA LEU A 54 -8.90 9.46 21.35
C LEU A 54 -8.83 7.96 21.67
N HIS A 55 -7.86 7.27 21.09
CA HIS A 55 -7.71 5.84 21.33
C HIS A 55 -6.94 5.64 22.62
N ARG A 56 -6.08 6.61 22.94
CA ARG A 56 -5.27 6.53 24.15
C ARG A 56 -5.00 7.93 24.66
N TYR A 57 -4.40 8.03 25.84
CA TYR A 57 -4.14 9.34 26.42
C TYR A 57 -3.17 9.24 27.58
N TYR A 58 -2.58 10.36 27.97
CA TYR A 58 -1.61 10.44 29.04
C TYR A 58 -2.21 10.17 30.43
N GLN A 59 -1.56 9.27 31.17
CA GLN A 59 -2.00 8.89 32.52
C GLN A 59 -0.94 9.23 33.55
N ARG A 60 -1.01 10.45 34.09
CA ARG A 60 -0.05 10.94 35.06
C ARG A 60 0.14 10.06 36.29
N GLN A 61 -0.94 9.49 36.81
CA GLN A 61 -0.88 8.60 37.96
C GLN A 61 -0.01 7.38 37.69
N LEU A 62 0.26 7.09 36.43
CA LEU A 62 1.09 5.92 36.09
C LEU A 62 2.54 6.26 35.79
N SER A 63 2.89 7.55 35.88
CA SER A 63 4.26 7.96 35.60
C SER A 63 4.98 8.32 36.89
N SER A 64 6.06 7.62 37.19
CA SER A 64 6.81 7.85 38.42
C SER A 64 7.61 9.17 38.39
N THR A 65 7.89 9.66 37.18
CA THR A 65 8.66 10.89 37.05
C THR A 65 7.79 12.13 36.82
N TYR A 66 6.48 11.95 36.84
CA TYR A 66 5.57 13.07 36.65
C TYR A 66 5.68 14.07 37.80
N ARG A 67 5.59 15.36 37.48
CA ARG A 67 5.66 16.44 38.49
C ARG A 67 4.50 17.40 38.23
N ASP A 68 3.70 17.66 39.27
CA ASP A 68 2.52 18.53 39.17
C ASP A 68 2.85 19.99 39.47
N LEU A 69 2.62 20.89 38.51
CA LEU A 69 2.89 22.29 38.72
C LEU A 69 1.71 23.00 39.41
N ARG A 70 0.67 22.25 39.73
CA ARG A 70 -0.51 22.79 40.39
C ARG A 70 -0.95 24.10 39.72
N LYS A 71 -1.11 24.10 38.41
CA LYS A 71 -1.54 25.30 37.71
C LYS A 71 -2.29 24.95 36.43
N GLY A 72 -3.47 25.56 36.27
CA GLY A 72 -4.26 25.30 35.08
C GLY A 72 -3.77 26.17 33.93
N VAL A 73 -4.22 25.88 32.73
CA VAL A 73 -3.81 26.63 31.55
C VAL A 73 -4.94 26.58 30.53
N TYR A 74 -5.14 27.66 29.80
CA TYR A 74 -6.17 27.72 28.76
C TYR A 74 -5.50 28.13 27.45
N VAL A 75 -5.78 27.38 26.39
CA VAL A 75 -5.17 27.67 25.11
C VAL A 75 -6.16 27.75 23.95
N PRO A 76 -6.38 28.96 23.41
CA PRO A 76 -7.30 29.05 22.27
C PRO A 76 -6.51 29.16 20.97
N TYR A 77 -7.02 28.56 19.90
CA TYR A 77 -6.37 28.63 18.59
C TYR A 77 -7.36 29.26 17.58
N THR A 78 -6.91 29.52 16.36
CA THR A 78 -7.80 30.10 15.34
C THR A 78 -9.06 29.25 15.35
N GLN A 79 -8.90 27.94 15.43
CA GLN A 79 -10.07 27.08 15.51
C GLN A 79 -9.78 25.95 16.48
N GLY A 80 -10.62 25.87 17.51
CA GLY A 80 -10.47 24.85 18.52
C GLY A 80 -9.83 25.42 19.75
N LYS A 81 -10.04 24.76 20.88
CA LYS A 81 -9.43 25.21 22.13
C LYS A 81 -9.48 24.12 23.19
N TRP A 82 -8.65 24.28 24.23
CA TRP A 82 -8.64 23.31 25.32
C TRP A 82 -8.20 23.89 26.66
N GLU A 83 -8.42 23.10 27.70
CA GLU A 83 -8.07 23.47 29.07
C GLU A 83 -7.35 22.29 29.66
N GLY A 84 -6.32 22.54 30.46
CA GLY A 84 -5.61 21.42 31.04
C GLY A 84 -4.88 21.78 32.29
N GLU A 85 -4.06 20.83 32.75
CA GLU A 85 -3.28 21.01 33.95
C GLU A 85 -1.80 20.90 33.67
N LEU A 86 -1.07 21.91 34.11
CA LEU A 86 0.37 21.97 33.92
C LEU A 86 1.16 21.03 34.82
N GLY A 87 2.23 20.48 34.26
CA GLY A 87 3.11 19.58 34.97
C GLY A 87 4.34 19.39 34.11
N THR A 88 5.28 18.56 34.56
CA THR A 88 6.47 18.24 33.79
C THR A 88 6.68 16.72 33.89
N ASP A 89 7.45 16.16 32.97
CA ASP A 89 7.71 14.73 32.97
C ASP A 89 8.81 14.51 31.92
N LEU A 90 9.40 13.33 31.94
CA LEU A 90 10.45 13.01 30.98
C LEU A 90 9.79 12.72 29.64
N VAL A 91 10.41 13.22 28.57
CA VAL A 91 9.91 13.03 27.21
C VAL A 91 11.01 12.51 26.26
N SER A 92 10.62 11.65 25.32
CA SER A 92 11.54 11.09 24.34
C SER A 92 10.82 11.02 22.98
N ILE A 93 11.60 10.86 21.93
CA ILE A 93 11.09 10.78 20.57
C ILE A 93 11.78 9.58 19.95
N PRO A 94 11.08 8.43 19.90
CA PRO A 94 11.63 7.19 19.34
C PRO A 94 12.39 7.38 18.03
N HIS A 95 11.77 8.02 17.05
CA HIS A 95 12.47 8.26 15.79
C HIS A 95 12.93 9.69 15.75
N GLY A 96 13.74 10.06 16.74
CA GLY A 96 14.29 11.39 16.86
C GLY A 96 15.67 11.25 17.48
N PRO A 97 16.30 12.33 17.98
CA PRO A 97 17.63 12.19 18.57
C PRO A 97 17.54 11.21 19.74
N ASN A 98 18.65 10.62 20.15
CA ASN A 98 18.54 9.67 21.25
C ASN A 98 18.88 10.37 22.55
N VAL A 99 17.92 11.14 23.02
CA VAL A 99 18.05 11.89 24.25
C VAL A 99 16.69 11.88 24.91
N THR A 100 16.67 12.18 26.21
CA THR A 100 15.44 12.23 26.99
C THR A 100 15.57 13.55 27.73
N VAL A 101 14.49 14.34 27.78
CA VAL A 101 14.58 15.60 28.49
C VAL A 101 13.34 15.81 29.34
N ARG A 102 13.40 16.69 30.35
CA ARG A 102 12.21 16.93 31.17
C ARG A 102 11.62 18.21 30.62
N ALA A 103 10.39 18.12 30.15
CA ALA A 103 9.73 19.27 29.52
C ALA A 103 8.40 19.53 30.16
N ASN A 104 7.89 20.74 29.95
CA ASN A 104 6.60 21.14 30.45
C ASN A 104 5.52 20.40 29.67
N ILE A 105 4.47 19.99 30.35
CA ILE A 105 3.39 19.28 29.69
C ILE A 105 2.03 19.67 30.24
N ALA A 106 1.13 20.05 29.35
CA ALA A 106 -0.22 20.42 29.75
C ALA A 106 -1.04 19.15 29.57
N ALA A 107 -1.67 18.68 30.64
CA ALA A 107 -2.48 17.48 30.55
C ALA A 107 -3.88 18.00 30.25
N ILE A 108 -4.33 17.82 29.01
CA ILE A 108 -5.64 18.33 28.60
C ILE A 108 -6.79 17.60 29.29
N THR A 109 -7.62 18.36 30.00
CA THR A 109 -8.76 17.79 30.71
C THR A 109 -10.13 18.13 30.10
N GLU A 110 -10.16 19.13 29.24
CA GLU A 110 -11.40 19.57 28.59
C GLU A 110 -11.00 20.23 27.27
N SER A 111 -11.76 19.97 26.22
CA SER A 111 -11.42 20.53 24.92
C SER A 111 -12.65 20.72 24.06
N ASP A 112 -12.56 21.65 23.10
CA ASP A 112 -13.65 21.92 22.19
C ASP A 112 -13.16 22.10 20.76
N LYS A 113 -13.61 21.22 19.87
CA LYS A 113 -13.22 21.27 18.45
C LYS A 113 -11.71 21.23 18.27
N PHE A 114 -11.01 20.63 19.23
CA PHE A 114 -9.57 20.51 19.15
C PHE A 114 -9.22 19.17 18.51
N PHE A 115 -9.59 18.08 19.18
CA PHE A 115 -9.31 16.76 18.64
C PHE A 115 -10.13 16.45 17.40
N ILE A 116 -9.56 15.68 16.48
CA ILE A 116 -10.22 15.35 15.24
C ILE A 116 -10.52 13.86 15.13
N ASN A 117 -11.73 13.53 14.72
CA ASN A 117 -12.11 12.13 14.57
C ASN A 117 -11.20 11.47 13.52
N GLY A 118 -10.52 10.40 13.93
CA GLY A 118 -9.66 9.67 13.02
C GLY A 118 -8.40 10.33 12.50
N SER A 119 -7.75 11.19 13.29
CA SER A 119 -6.50 11.82 12.85
C SER A 119 -5.35 10.98 13.40
N ASN A 120 -5.65 10.26 14.47
CA ASN A 120 -4.70 9.40 15.15
C ASN A 120 -3.67 10.12 16.01
N TRP A 121 -3.81 11.44 16.24
CA TRP A 121 -2.89 12.13 17.15
C TRP A 121 -3.66 12.47 18.42
N GLU A 122 -2.96 12.52 19.54
CA GLU A 122 -3.59 12.76 20.84
C GLU A 122 -3.00 13.92 21.63
N GLY A 123 -2.11 14.65 21.00
CA GLY A 123 -1.48 15.76 21.67
C GLY A 123 -0.92 16.69 20.60
N ILE A 124 -0.31 17.78 21.04
CA ILE A 124 0.22 18.76 20.11
C ILE A 124 1.60 19.21 20.59
N LEU A 125 2.50 19.38 19.64
CA LEU A 125 3.84 19.84 19.95
C LEU A 125 4.00 21.26 19.40
N GLY A 126 3.84 22.24 20.27
CA GLY A 126 3.98 23.63 19.84
C GLY A 126 5.46 23.92 19.68
N LEU A 127 5.92 24.07 18.45
CA LEU A 127 7.33 24.30 18.18
C LEU A 127 7.76 25.76 18.10
N ALA A 128 6.85 26.71 18.35
CA ALA A 128 7.22 28.12 18.27
C ALA A 128 7.78 28.67 19.58
N TYR A 129 8.00 29.97 19.65
CA TYR A 129 8.63 30.59 20.82
C TYR A 129 7.81 30.92 22.07
N ALA A 130 8.51 30.98 23.20
CA ALA A 130 7.91 31.27 24.51
C ALA A 130 6.98 32.46 24.52
N GLU A 131 7.31 33.49 23.74
CA GLU A 131 6.47 34.69 23.71
C GLU A 131 4.97 34.42 23.56
N ILE A 132 4.59 33.41 22.77
CA ILE A 132 3.17 33.09 22.59
C ILE A 132 2.67 31.91 23.45
N ALA A 133 3.52 31.37 24.32
CA ALA A 133 3.10 30.28 25.19
C ALA A 133 2.07 30.74 26.22
N ARG A 134 1.17 29.83 26.62
CA ARG A 134 0.16 30.12 27.64
C ARG A 134 0.62 29.32 28.87
N PRO A 135 0.43 29.85 30.08
CA PRO A 135 -0.19 31.13 30.47
C PRO A 135 0.63 32.36 30.07
N ASP A 136 1.93 32.18 30.00
CA ASP A 136 2.82 33.26 29.63
C ASP A 136 4.16 32.69 29.21
N ASP A 137 5.05 33.57 28.77
CA ASP A 137 6.38 33.20 28.31
C ASP A 137 7.28 32.56 29.34
N SER A 138 6.80 32.37 30.56
CA SER A 138 7.66 31.72 31.55
C SER A 138 7.56 30.19 31.40
N LEU A 139 6.60 29.70 30.63
CA LEU A 139 6.43 28.25 30.45
C LEU A 139 7.30 27.85 29.26
N GLU A 140 8.52 27.41 29.56
CA GLU A 140 9.47 27.01 28.54
C GLU A 140 8.91 25.97 27.53
N PRO A 141 8.93 26.32 26.22
CA PRO A 141 8.44 25.43 25.17
C PRO A 141 9.30 24.20 25.09
N PHE A 142 8.75 23.12 24.53
CA PHE A 142 9.48 21.88 24.41
C PHE A 142 10.84 21.99 23.71
N PHE A 143 10.89 22.66 22.57
CA PHE A 143 12.15 22.76 21.86
C PHE A 143 13.21 23.52 22.64
N ASP A 144 12.80 24.49 23.46
CA ASP A 144 13.79 25.23 24.25
C ASP A 144 14.36 24.28 25.28
N SER A 145 13.51 23.44 25.87
CA SER A 145 14.01 22.49 26.87
C SER A 145 15.01 21.51 26.25
N LEU A 146 14.65 20.99 25.08
CA LEU A 146 15.49 20.05 24.34
C LEU A 146 16.89 20.59 24.09
N VAL A 147 16.94 21.81 23.60
CA VAL A 147 18.22 22.43 23.30
C VAL A 147 19.03 22.77 24.56
N LYS A 148 18.36 23.29 25.57
CA LYS A 148 19.04 23.64 26.81
C LYS A 148 19.58 22.41 27.51
N GLN A 149 18.84 21.30 27.44
CA GLN A 149 19.25 20.06 28.12
C GLN A 149 20.10 19.06 27.35
N THR A 150 20.35 19.28 26.05
CA THR A 150 21.15 18.32 25.28
C THR A 150 22.13 19.02 24.35
N HIS A 151 22.72 18.26 23.44
CA HIS A 151 23.65 18.85 22.49
C HIS A 151 23.02 18.91 21.10
N VAL A 152 21.70 18.77 21.04
CA VAL A 152 21.00 18.83 19.77
C VAL A 152 21.07 20.27 19.27
N PRO A 153 21.53 20.49 18.03
CA PRO A 153 21.62 21.86 17.51
C PRO A 153 20.25 22.57 17.57
N ASN A 154 20.26 23.89 17.75
CA ASN A 154 19.01 24.67 17.85
C ASN A 154 18.41 24.88 16.46
N LEU A 155 17.94 23.78 15.86
CA LEU A 155 17.36 23.83 14.53
C LEU A 155 16.58 22.57 14.23
N PHE A 156 15.48 22.70 13.49
CA PHE A 156 14.74 21.52 13.07
C PHE A 156 14.27 21.82 11.66
N SER A 157 13.97 20.78 10.90
CA SER A 157 13.51 20.92 9.53
C SER A 157 12.32 19.99 9.30
N LEU A 158 11.39 20.42 8.45
CA LEU A 158 10.18 19.65 8.17
C LEU A 158 9.89 19.42 6.69
N GLN A 159 9.65 18.15 6.35
CA GLN A 159 9.27 17.76 5.00
C GLN A 159 7.89 17.13 5.15
N LEU A 160 6.83 17.90 4.85
CA LEU A 160 5.48 17.35 4.92
C LEU A 160 5.16 16.85 3.52
N CYS A 161 4.75 15.60 3.43
CA CYS A 161 4.47 14.96 2.16
C CYS A 161 2.99 14.70 1.87
N GLY A 162 2.41 15.49 0.98
CA GLY A 162 1.01 15.29 0.60
C GLY A 162 0.99 14.17 -0.43
N ALA A 163 -0.03 13.33 -0.42
CA ALA A 163 -0.12 12.21 -1.35
C ALA A 163 -0.56 12.63 -2.76
N GLY A 164 -1.41 13.64 -2.87
CA GLY A 164 -1.88 14.05 -4.18
C GLY A 164 -3.19 13.35 -4.52
N PHE A 165 -3.62 12.49 -3.60
CA PHE A 165 -4.88 11.76 -3.72
C PHE A 165 -5.29 11.47 -2.27
N PRO A 166 -6.58 11.19 -2.03
CA PRO A 166 -7.07 10.91 -0.68
C PRO A 166 -6.61 9.59 -0.06
N LEU A 167 -6.58 9.53 1.27
CA LEU A 167 -6.15 8.32 1.97
C LEU A 167 -7.16 8.01 3.07
N ASN A 168 -7.64 6.78 3.12
CA ASN A 168 -8.58 6.40 4.18
C ASN A 168 -7.75 6.25 5.44
N GLN A 169 -8.37 5.98 6.58
CA GLN A 169 -7.58 5.88 7.81
C GLN A 169 -6.56 4.74 7.80
N SER A 170 -6.87 3.64 7.11
CA SER A 170 -5.95 2.52 7.05
C SER A 170 -4.69 2.93 6.30
N GLU A 171 -4.88 3.69 5.23
CA GLU A 171 -3.78 4.16 4.41
C GLU A 171 -2.92 5.18 5.14
N VAL A 172 -3.56 6.15 5.80
CA VAL A 172 -2.79 7.17 6.51
C VAL A 172 -1.88 6.50 7.55
N LEU A 173 -2.40 5.49 8.23
CA LEU A 173 -1.65 4.76 9.25
C LEU A 173 -0.52 3.93 8.67
N ALA A 174 -0.71 3.41 7.47
CA ALA A 174 0.31 2.57 6.86
C ALA A 174 1.34 3.35 6.02
N SER A 175 1.03 4.60 5.69
CA SER A 175 1.93 5.42 4.87
C SER A 175 2.84 6.40 5.60
N VAL A 176 3.96 6.70 4.95
CA VAL A 176 4.91 7.66 5.47
C VAL A 176 4.35 9.02 5.09
N GLY A 177 4.24 9.93 6.05
CA GLY A 177 3.72 11.24 5.75
C GLY A 177 4.80 12.31 5.64
N GLY A 178 6.04 11.95 5.98
CA GLY A 178 7.11 12.93 5.90
C GLY A 178 8.24 12.79 6.91
N SER A 179 8.97 13.87 7.11
CA SER A 179 10.10 13.85 8.03
C SER A 179 10.24 15.16 8.81
N MET A 180 10.55 15.00 10.08
CA MET A 180 10.82 16.11 10.96
C MET A 180 12.24 15.74 11.44
N ILE A 181 13.24 16.48 10.97
CA ILE A 181 14.64 16.24 11.33
C ILE A 181 14.98 17.21 12.47
N ILE A 182 15.11 16.68 13.68
CA ILE A 182 15.40 17.45 14.89
C ILE A 182 16.89 17.69 15.03
N GLY A 183 17.30 18.97 15.02
CA GLY A 183 18.70 19.29 15.16
C GLY A 183 19.53 19.25 13.89
N GLY A 184 18.88 19.19 12.72
CA GLY A 184 19.67 19.14 11.50
C GLY A 184 18.90 19.27 10.20
N ILE A 185 19.64 19.08 9.12
CA ILE A 185 19.13 19.18 7.75
C ILE A 185 19.55 17.93 6.97
N ASP A 186 18.58 17.24 6.38
CA ASP A 186 18.91 16.05 5.62
C ASP A 186 18.79 16.35 4.13
N HIS A 187 19.92 16.34 3.44
CA HIS A 187 19.94 16.63 2.01
C HIS A 187 19.14 15.70 1.11
N SER A 188 18.77 14.52 1.59
CA SER A 188 17.99 13.62 0.74
C SER A 188 16.55 14.10 0.61
N LEU A 189 16.17 15.08 1.42
CA LEU A 189 14.79 15.56 1.41
C LEU A 189 14.46 16.69 0.42
N TYR A 190 15.46 17.25 -0.26
CA TYR A 190 15.21 18.34 -1.21
C TYR A 190 16.11 18.32 -2.45
N THR A 191 15.74 19.11 -3.45
CA THR A 191 16.54 19.22 -4.67
C THR A 191 16.80 20.71 -4.82
N GLY A 192 17.90 21.08 -5.47
CA GLY A 192 18.20 22.49 -5.65
C GLY A 192 18.80 23.10 -4.42
N SER A 193 18.80 24.41 -4.36
CA SER A 193 19.38 25.12 -3.23
C SER A 193 18.38 25.49 -2.15
N LEU A 194 18.89 25.80 -0.97
CA LEU A 194 18.07 26.24 0.13
C LEU A 194 18.19 27.76 0.13
N TRP A 195 17.06 28.46 0.15
CA TRP A 195 17.04 29.92 0.19
C TRP A 195 16.46 30.27 1.54
N TYR A 196 17.06 31.25 2.20
CA TYR A 196 16.65 31.64 3.54
C TYR A 196 16.00 33.02 3.67
N THR A 197 14.94 33.09 4.46
CA THR A 197 14.31 34.37 4.70
C THR A 197 14.48 34.64 6.20
N PRO A 198 14.60 35.91 6.60
CA PRO A 198 14.76 36.20 8.03
C PRO A 198 13.50 35.98 8.86
N ILE A 199 13.67 35.55 10.11
CA ILE A 199 12.53 35.39 11.01
C ILE A 199 12.41 36.81 11.60
N ARG A 200 11.33 37.52 11.27
CA ARG A 200 11.16 38.89 11.74
C ARG A 200 11.24 39.03 13.27
N ARG A 201 10.44 38.25 13.97
CA ARG A 201 10.41 38.30 15.43
C ARG A 201 10.17 36.89 15.92
N GLU A 202 10.82 36.53 17.01
CA GLU A 202 10.66 35.20 17.57
C GLU A 202 9.45 35.06 18.50
N TRP A 203 8.31 34.74 17.92
CA TRP A 203 7.07 34.50 18.66
C TRP A 203 6.48 33.42 17.76
N TYR A 204 5.76 33.80 16.72
CA TYR A 204 5.29 32.81 15.74
C TYR A 204 6.52 32.73 14.86
N TYR A 205 6.58 31.82 13.90
CA TYR A 205 7.71 31.84 12.99
C TYR A 205 7.27 32.86 11.92
N GLU A 206 7.55 34.14 12.19
CA GLU A 206 7.12 35.22 11.30
C GLU A 206 8.09 35.55 10.17
N VAL A 207 7.54 35.78 8.98
CA VAL A 207 8.37 36.11 7.82
C VAL A 207 7.73 37.30 7.13
N ILE A 208 8.36 37.79 6.07
CA ILE A 208 7.81 38.93 5.34
C ILE A 208 7.69 38.60 3.87
N ILE A 209 6.49 38.74 3.32
CA ILE A 209 6.28 38.47 1.89
C ILE A 209 6.40 39.83 1.20
N VAL A 210 7.18 39.92 0.13
CA VAL A 210 7.38 41.20 -0.54
C VAL A 210 6.72 41.34 -1.90
N ARG A 211 6.18 40.25 -2.42
CA ARG A 211 5.53 40.27 -3.72
C ARG A 211 4.76 38.97 -3.93
N VAL A 212 3.69 39.04 -4.71
CA VAL A 212 2.86 37.89 -5.00
C VAL A 212 2.54 37.90 -6.47
N GLU A 213 2.69 36.73 -7.11
CA GLU A 213 2.40 36.57 -8.53
C GLU A 213 1.47 35.39 -8.74
N ILE A 214 0.59 35.52 -9.73
CA ILE A 214 -0.35 34.46 -10.09
C ILE A 214 0.00 34.24 -11.57
N ASN A 215 0.62 33.10 -11.87
CA ASN A 215 1.06 32.79 -13.23
C ASN A 215 1.95 33.94 -13.78
N GLY A 216 2.87 34.42 -12.95
CA GLY A 216 3.80 35.48 -13.35
C GLY A 216 3.26 36.90 -13.30
N GLN A 217 1.95 37.06 -13.17
CA GLN A 217 1.35 38.38 -13.13
C GLN A 217 1.33 38.95 -11.71
N ASP A 218 1.90 40.14 -11.56
CA ASP A 218 1.96 40.80 -10.25
C ASP A 218 0.56 41.06 -9.70
N LEU A 219 0.29 40.61 -8.48
CA LEU A 219 -1.01 40.86 -7.86
C LEU A 219 -1.02 42.38 -7.66
N LYS A 220 0.18 42.95 -7.67
CA LYS A 220 0.41 44.39 -7.62
C LYS A 220 -0.16 45.13 -6.42
N MET A 221 -0.09 44.53 -5.25
CA MET A 221 -0.61 45.22 -4.08
C MET A 221 0.52 45.80 -3.24
N ASP A 222 0.17 46.77 -2.40
CA ASP A 222 1.11 47.40 -1.47
C ASP A 222 1.58 46.20 -0.63
N CYS A 223 2.88 45.94 -0.65
CA CYS A 223 3.39 44.78 0.07
C CYS A 223 3.04 44.64 1.56
N LYS A 224 2.65 45.73 2.20
CA LYS A 224 2.29 45.67 3.63
C LYS A 224 1.00 44.86 3.72
N GLU A 225 0.18 44.94 2.68
CA GLU A 225 -1.07 44.21 2.65
C GLU A 225 -0.83 42.71 2.76
N TYR A 226 0.25 42.23 2.18
CA TYR A 226 0.58 40.81 2.19
C TYR A 226 0.93 40.30 3.57
N ASN A 227 1.27 41.22 4.45
CA ASN A 227 1.62 40.86 5.80
C ASN A 227 0.71 41.62 6.74
N TYR A 228 -0.44 42.04 6.23
CA TYR A 228 -1.33 42.80 7.06
C TYR A 228 -1.73 41.98 8.25
N ASP A 229 -1.08 42.38 9.35
CA ASP A 229 -1.17 41.81 10.65
C ASP A 229 0.21 41.18 10.82
N LYS A 230 0.39 40.04 10.13
CA LYS A 230 1.64 39.26 10.16
C LYS A 230 1.57 38.15 9.12
N SER A 231 2.69 37.48 8.90
CA SER A 231 2.78 36.34 7.99
C SER A 231 3.58 35.29 8.74
N ILE A 232 2.97 34.12 8.93
CA ILE A 232 3.61 33.05 9.66
C ILE A 232 3.60 31.72 8.89
N VAL A 233 4.48 30.82 9.28
CA VAL A 233 4.55 29.49 8.67
C VAL A 233 3.95 28.59 9.75
N ASP A 234 2.89 27.87 9.41
CA ASP A 234 2.23 27.01 10.39
C ASP A 234 1.80 25.63 9.90
N SER A 235 2.59 24.63 10.28
CA SER A 235 2.34 23.25 9.89
C SER A 235 1.00 22.73 10.36
N GLY A 236 0.44 23.39 11.38
CA GLY A 236 -0.83 22.95 11.93
C GLY A 236 -2.04 23.66 11.34
N THR A 237 -1.82 24.41 10.26
CA THR A 237 -2.94 25.04 9.58
C THR A 237 -2.95 24.32 8.25
N THR A 238 -4.12 23.89 7.83
CA THR A 238 -4.21 23.18 6.58
C THR A 238 -3.95 24.07 5.38
N ASN A 239 -4.75 25.13 5.24
CA ASN A 239 -4.69 26.04 4.11
C ASN A 239 -3.66 27.12 4.07
N LEU A 240 -3.57 27.72 2.89
CA LEU A 240 -2.73 28.88 2.68
C LEU A 240 -3.81 29.93 3.01
N ARG A 241 -3.62 30.71 4.07
CA ARG A 241 -4.58 31.74 4.43
C ARG A 241 -4.02 33.13 4.14
N LEU A 242 -4.85 33.99 3.54
CA LEU A 242 -4.45 35.35 3.16
C LEU A 242 -5.35 36.45 3.74
N PRO A 243 -4.76 37.62 4.05
CA PRO A 243 -5.56 38.72 4.58
C PRO A 243 -6.70 38.92 3.59
N LYS A 244 -7.89 39.16 4.11
CA LYS A 244 -9.08 39.35 3.29
C LYS A 244 -8.83 40.09 1.97
N LYS A 245 -8.24 41.28 2.04
CA LYS A 245 -8.02 42.05 0.83
C LYS A 245 -7.15 41.34 -0.18
N VAL A 246 -6.10 40.68 0.30
CA VAL A 246 -5.20 39.93 -0.56
C VAL A 246 -5.93 38.72 -1.15
N PHE A 247 -6.69 38.03 -0.31
CA PHE A 247 -7.45 36.86 -0.70
C PHE A 247 -8.41 37.21 -1.84
N GLU A 248 -9.18 38.29 -1.66
CA GLU A 248 -10.15 38.68 -2.69
C GLU A 248 -9.49 38.95 -4.03
N ALA A 249 -8.33 39.61 -4.02
CA ALA A 249 -7.63 39.90 -5.25
C ALA A 249 -7.01 38.63 -5.83
N ALA A 250 -6.48 37.77 -4.96
CA ALA A 250 -5.87 36.53 -5.43
C ALA A 250 -6.90 35.63 -6.10
N VAL A 251 -8.07 35.49 -5.47
CA VAL A 251 -9.11 34.65 -6.04
C VAL A 251 -9.61 35.24 -7.36
N LYS A 252 -9.65 36.57 -7.44
CA LYS A 252 -10.10 37.20 -8.67
C LYS A 252 -9.12 36.78 -9.77
N SER A 253 -7.83 36.88 -9.46
CA SER A 253 -6.80 36.52 -10.43
C SER A 253 -6.79 35.03 -10.76
N ILE A 254 -6.93 34.16 -9.74
CA ILE A 254 -6.92 32.72 -10.01
C ILE A 254 -8.16 32.35 -10.87
N LYS A 255 -9.28 32.99 -10.59
CA LYS A 255 -10.50 32.76 -11.36
C LYS A 255 -10.29 33.16 -12.83
N ALA A 256 -9.70 34.33 -13.05
CA ALA A 256 -9.46 34.80 -14.41
C ALA A 256 -8.54 33.86 -15.16
N ALA A 257 -7.48 33.37 -14.50
CA ALA A 257 -6.54 32.46 -15.16
C ALA A 257 -7.15 31.10 -15.51
N SER A 258 -8.08 30.61 -14.68
CA SER A 258 -8.70 29.30 -14.93
C SER A 258 -10.07 29.42 -15.54
N SER A 259 -10.39 30.59 -16.07
CA SER A 259 -11.73 30.84 -16.61
C SER A 259 -12.24 29.94 -17.72
N THR A 260 -11.40 29.02 -18.21
CA THR A 260 -11.89 28.11 -19.25
C THR A 260 -12.86 27.11 -18.62
N GLU A 261 -12.98 27.15 -17.29
CA GLU A 261 -13.90 26.29 -16.57
C GLU A 261 -14.49 27.12 -15.43
N LYS A 262 -15.80 27.06 -15.27
CA LYS A 262 -16.45 27.81 -14.21
C LYS A 262 -16.66 26.93 -13.00
N PHE A 263 -16.50 27.50 -11.81
CA PHE A 263 -16.71 26.73 -10.59
C PHE A 263 -17.62 27.55 -9.69
N PRO A 264 -18.43 26.87 -8.86
CA PRO A 264 -19.35 27.55 -7.94
C PRO A 264 -18.62 28.32 -6.84
N ASP A 265 -19.28 29.34 -6.28
CA ASP A 265 -18.70 30.13 -5.22
C ASP A 265 -18.33 29.25 -4.04
N GLY A 266 -19.14 28.23 -3.77
CA GLY A 266 -18.84 27.33 -2.67
C GLY A 266 -17.44 26.75 -2.81
N PHE A 267 -17.00 26.57 -4.05
CA PHE A 267 -15.66 26.04 -4.32
C PHE A 267 -14.60 27.04 -3.90
N TRP A 268 -14.73 28.28 -4.38
CA TRP A 268 -13.74 29.32 -4.06
C TRP A 268 -13.76 29.71 -2.59
N LEU A 269 -14.89 29.45 -1.93
CA LEU A 269 -15.02 29.77 -0.52
C LEU A 269 -14.45 28.63 0.29
N GLY A 270 -13.93 27.62 -0.40
CA GLY A 270 -13.34 26.47 0.27
C GLY A 270 -14.32 25.56 0.95
N GLU A 271 -15.61 25.73 0.64
CA GLU A 271 -16.67 24.93 1.25
C GLU A 271 -16.99 23.63 0.53
N GLN A 272 -17.04 23.66 -0.80
CA GLN A 272 -17.38 22.45 -1.52
C GLN A 272 -16.31 21.91 -2.45
N LEU A 273 -16.32 20.60 -2.59
CA LEU A 273 -15.37 19.93 -3.45
C LEU A 273 -15.75 20.10 -4.91
N VAL A 274 -14.78 19.81 -5.79
CA VAL A 274 -15.02 19.85 -7.22
C VAL A 274 -14.47 18.49 -7.62
N CYS A 275 -15.07 17.86 -8.61
CA CYS A 275 -14.59 16.54 -9.05
C CYS A 275 -14.51 16.45 -10.56
N TRP A 276 -13.56 15.63 -11.01
CA TRP A 276 -13.34 15.38 -12.44
C TRP A 276 -13.23 13.87 -12.63
N GLN A 277 -13.53 13.42 -13.84
CA GLN A 277 -13.45 12.01 -14.17
C GLN A 277 -12.03 11.52 -13.85
N ALA A 278 -11.93 10.29 -13.36
CA ALA A 278 -10.64 9.69 -12.99
C ALA A 278 -9.47 10.10 -13.88
N GLY A 279 -8.45 10.70 -13.27
CA GLY A 279 -7.28 11.10 -14.03
C GLY A 279 -7.35 12.28 -14.99
N THR A 280 -8.46 13.00 -15.02
CA THR A 280 -8.60 14.12 -15.93
C THR A 280 -8.55 15.51 -15.29
N THR A 281 -8.11 15.60 -14.03
CA THR A 281 -8.01 16.91 -13.37
C THR A 281 -7.22 17.82 -14.33
N PRO A 282 -7.81 18.97 -14.73
CA PRO A 282 -7.13 19.88 -15.65
C PRO A 282 -6.12 20.80 -14.97
N TRP A 283 -5.08 20.19 -14.41
CA TRP A 283 -4.03 20.95 -13.72
C TRP A 283 -3.52 22.16 -14.50
N ASN A 284 -3.33 21.99 -15.81
CA ASN A 284 -2.81 23.05 -16.66
C ASN A 284 -3.67 24.31 -16.74
N ILE A 285 -4.97 24.24 -16.46
CA ILE A 285 -5.73 25.49 -16.55
C ILE A 285 -5.56 26.34 -15.28
N PHE A 286 -5.04 25.75 -14.21
CA PHE A 286 -4.85 26.49 -12.97
C PHE A 286 -3.44 27.06 -12.96
N PRO A 287 -3.30 28.29 -12.43
CA PRO A 287 -2.02 28.98 -12.38
C PRO A 287 -1.11 28.58 -11.22
N VAL A 288 0.18 28.82 -11.39
CA VAL A 288 1.11 28.57 -10.31
C VAL A 288 1.05 29.84 -9.45
N ILE A 289 1.42 29.74 -8.20
CA ILE A 289 1.42 30.89 -7.33
C ILE A 289 2.84 31.06 -6.82
N SER A 290 3.35 32.29 -6.90
CA SER A 290 4.68 32.59 -6.42
C SER A 290 4.63 33.62 -5.29
N LEU A 291 5.26 33.27 -4.18
CA LEU A 291 5.34 34.16 -3.04
C LEU A 291 6.80 34.57 -2.94
N TYR A 292 7.05 35.88 -2.94
CA TYR A 292 8.40 36.38 -2.84
C TYR A 292 8.64 36.71 -1.36
N LEU A 293 9.78 36.29 -0.84
CA LEU A 293 10.11 36.49 0.55
C LEU A 293 11.40 37.30 0.66
N MET A 294 11.52 38.06 1.74
CA MET A 294 12.69 38.88 1.97
C MET A 294 13.91 37.96 2.10
N GLY A 295 15.02 38.41 1.51
CA GLY A 295 16.25 37.63 1.55
C GLY A 295 17.10 37.96 2.75
N GLU A 296 18.26 37.33 2.88
CA GLU A 296 19.13 37.62 4.01
C GLU A 296 20.07 38.77 3.67
N VAL A 297 20.21 39.04 2.38
CA VAL A 297 21.07 40.11 1.88
C VAL A 297 20.20 41.32 1.58
N THR A 298 20.70 42.51 1.86
CA THR A 298 19.92 43.74 1.61
C THR A 298 19.48 43.86 0.17
N ASN A 299 18.24 44.32 -0.01
CA ASN A 299 17.66 44.50 -1.34
C ASN A 299 17.56 43.22 -2.15
N GLN A 300 17.69 42.09 -1.48
CA GLN A 300 17.61 40.80 -2.15
C GLN A 300 16.44 39.96 -1.71
N SER A 301 15.74 39.35 -2.67
CA SER A 301 14.61 38.48 -2.36
C SER A 301 14.69 37.19 -3.17
N PHE A 302 13.78 36.26 -2.89
CA PHE A 302 13.73 35.00 -3.63
C PHE A 302 12.26 34.64 -3.65
N ARG A 303 11.89 33.67 -4.47
CA ARG A 303 10.49 33.32 -4.53
C ARG A 303 10.28 31.82 -4.44
N ILE A 304 9.11 31.45 -3.94
CA ILE A 304 8.75 30.05 -3.85
C ILE A 304 7.48 29.97 -4.68
N THR A 305 7.42 28.95 -5.51
CA THR A 305 6.30 28.78 -6.41
C THR A 305 5.63 27.43 -6.23
N ILE A 306 4.33 27.45 -5.99
CA ILE A 306 3.58 26.23 -5.82
C ILE A 306 2.62 26.05 -6.99
N LEU A 307 2.19 24.82 -7.16
CA LEU A 307 1.29 24.42 -8.23
C LEU A 307 -0.09 24.18 -7.64
N PRO A 308 -1.11 23.95 -8.50
CA PRO A 308 -2.47 23.70 -8.04
C PRO A 308 -2.44 22.31 -7.37
N GLN A 309 -1.40 21.53 -7.66
CA GLN A 309 -1.29 20.23 -7.02
C GLN A 309 -1.05 20.46 -5.53
N GLN A 310 -0.65 21.68 -5.18
CA GLN A 310 -0.48 22.02 -3.77
C GLN A 310 -1.72 22.70 -3.21
N TYR A 311 -2.26 23.70 -3.92
CA TYR A 311 -3.40 24.40 -3.38
C TYR A 311 -4.78 23.80 -3.60
N LEU A 312 -4.85 22.69 -4.32
CA LEU A 312 -6.11 21.99 -4.50
C LEU A 312 -5.94 20.74 -3.62
N ARG A 313 -6.68 20.67 -2.51
CA ARG A 313 -6.54 19.58 -1.55
C ARG A 313 -7.35 18.31 -1.86
N PRO A 314 -6.67 17.17 -2.10
CA PRO A 314 -7.42 15.95 -2.40
C PRO A 314 -8.42 15.56 -1.29
N VAL A 315 -9.65 15.23 -1.67
CA VAL A 315 -10.68 14.80 -0.72
C VAL A 315 -11.48 13.70 -1.43
N GLU A 316 -11.90 12.67 -0.71
CA GLU A 316 -12.65 11.59 -1.33
C GLU A 316 -14.01 12.09 -1.76
N ASP A 317 -14.51 11.55 -2.87
CA ASP A 317 -15.80 11.95 -3.40
C ASP A 317 -16.90 11.70 -2.39
N VAL A 318 -17.93 12.54 -2.46
CA VAL A 318 -19.10 12.41 -1.60
C VAL A 318 -19.64 10.98 -1.69
N ALA A 319 -19.59 10.41 -2.91
CA ALA A 319 -20.06 9.05 -3.15
C ALA A 319 -18.92 8.02 -3.24
N THR A 320 -17.76 8.37 -2.67
CA THR A 320 -16.58 7.50 -2.67
C THR A 320 -16.27 6.93 -4.07
N SER A 321 -16.79 7.59 -5.10
CA SER A 321 -16.63 7.20 -6.51
C SER A 321 -15.19 7.18 -6.98
N GLN A 322 -15.02 6.88 -8.27
CA GLN A 322 -13.69 6.85 -8.87
C GLN A 322 -13.23 8.22 -9.42
N ASP A 323 -13.98 9.28 -9.11
CA ASP A 323 -13.58 10.60 -9.58
C ASP A 323 -12.45 11.12 -8.72
N ASP A 324 -11.70 12.08 -9.26
CA ASP A 324 -10.61 12.72 -8.53
C ASP A 324 -11.20 14.04 -8.06
N CYS A 325 -11.35 14.19 -6.75
CA CYS A 325 -11.96 15.38 -6.16
C CYS A 325 -11.05 16.17 -5.22
N TYR A 326 -11.29 17.48 -5.16
CA TYR A 326 -10.50 18.38 -4.32
C TYR A 326 -11.30 19.57 -3.79
N LYS A 327 -10.74 20.21 -2.77
CA LYS A 327 -11.31 21.43 -2.21
C LYS A 327 -10.21 22.47 -2.44
N PHE A 328 -10.62 23.73 -2.59
CA PHE A 328 -9.69 24.85 -2.80
C PHE A 328 -9.10 25.16 -1.43
N ALA A 329 -7.81 24.89 -1.27
CA ALA A 329 -7.12 25.10 0.00
C ALA A 329 -6.48 26.47 0.26
N ILE A 330 -7.11 27.53 -0.24
CA ILE A 330 -6.64 28.90 0.00
C ILE A 330 -7.89 29.59 0.55
N SER A 331 -7.76 30.27 1.68
CA SER A 331 -8.92 30.91 2.27
C SER A 331 -8.53 32.21 2.90
N GLN A 332 -9.52 33.03 3.23
CA GLN A 332 -9.24 34.32 3.81
C GLN A 332 -8.91 34.28 5.29
N SER A 333 -8.34 35.38 5.76
CA SER A 333 -7.93 35.50 7.14
C SER A 333 -8.12 36.93 7.62
N SER A 334 -8.38 37.08 8.91
CA SER A 334 -8.53 38.40 9.51
C SER A 334 -7.39 38.52 10.50
N THR A 335 -6.47 37.55 10.44
CA THR A 335 -5.30 37.55 11.31
C THR A 335 -3.96 37.34 10.60
N GLY A 336 -3.85 37.89 9.39
CA GLY A 336 -2.60 37.79 8.66
C GLY A 336 -2.46 36.54 7.79
N THR A 337 -1.32 36.44 7.13
CA THR A 337 -1.07 35.31 6.25
C THR A 337 -0.60 34.08 7.01
N VAL A 338 -1.12 32.92 6.61
CA VAL A 338 -0.68 31.70 7.24
C VAL A 338 -0.24 30.75 6.14
N MET A 339 1.04 30.45 6.11
CA MET A 339 1.58 29.52 5.13
C MET A 339 1.44 28.15 5.79
N GLY A 340 0.30 27.52 5.51
CA GLY A 340 -0.01 26.23 6.08
C GLY A 340 0.55 25.02 5.36
N ALA A 341 0.02 23.87 5.78
CA ALA A 341 0.41 22.57 5.27
C ALA A 341 0.43 22.45 3.76
N VAL A 342 -0.61 22.94 3.09
CA VAL A 342 -0.63 22.80 1.65
C VAL A 342 0.50 23.54 0.99
N ILE A 343 0.97 24.63 1.59
CA ILE A 343 2.10 25.35 1.02
C ILE A 343 3.40 24.60 1.38
N MET A 344 3.51 24.13 2.63
CA MET A 344 4.70 23.40 3.10
C MET A 344 4.92 22.05 2.39
N GLU A 345 3.85 21.47 1.85
CA GLU A 345 3.99 20.20 1.16
C GLU A 345 4.82 20.35 -0.10
N GLY A 346 4.97 21.59 -0.56
CA GLY A 346 5.73 21.81 -1.78
C GLY A 346 7.21 21.98 -1.51
N PHE A 347 7.57 22.17 -0.24
CA PHE A 347 8.96 22.43 0.11
C PHE A 347 9.54 21.77 1.36
N TYR A 348 10.87 21.73 1.43
CA TYR A 348 11.56 21.24 2.62
C TYR A 348 11.75 22.57 3.34
N VAL A 349 11.28 22.67 4.58
CA VAL A 349 11.38 23.92 5.32
C VAL A 349 12.29 23.81 6.50
N VAL A 350 13.32 24.65 6.51
CA VAL A 350 14.29 24.65 7.60
C VAL A 350 14.06 25.76 8.61
N PHE A 351 13.70 25.39 9.84
CA PHE A 351 13.49 26.37 10.91
C PHE A 351 14.81 26.53 11.65
N ASP A 352 15.65 27.41 11.12
CA ASP A 352 16.97 27.64 11.70
C ASP A 352 16.88 28.68 12.82
N ARG A 353 16.46 28.25 14.01
CA ARG A 353 16.32 29.14 15.16
C ARG A 353 17.65 29.82 15.53
N ALA A 354 18.73 29.05 15.49
CA ALA A 354 20.06 29.54 15.82
C ALA A 354 20.42 30.78 15.01
N ARG A 355 20.12 30.75 13.71
CA ARG A 355 20.45 31.87 12.87
C ARG A 355 19.25 32.75 12.57
N LYS A 356 18.17 32.54 13.33
CA LYS A 356 16.95 33.33 13.20
C LYS A 356 16.50 33.45 11.74
N ARG A 357 16.38 32.32 11.04
CA ARG A 357 15.97 32.37 9.65
C ARG A 357 15.25 31.11 9.28
N ILE A 358 14.51 31.16 8.18
CA ILE A 358 13.78 30.01 7.72
C ILE A 358 14.21 29.70 6.30
N GLY A 359 14.53 28.45 6.05
CA GLY A 359 14.97 28.06 4.73
C GLY A 359 13.93 27.26 3.95
N PHE A 360 13.92 27.49 2.64
CA PHE A 360 13.01 26.80 1.75
C PHE A 360 13.76 26.16 0.58
N ALA A 361 13.38 24.94 0.26
CA ALA A 361 13.96 24.23 -0.87
C ALA A 361 12.86 23.36 -1.45
N VAL A 362 12.92 23.09 -2.76
CA VAL A 362 11.92 22.25 -3.41
C VAL A 362 11.93 20.89 -2.73
N SER A 363 10.75 20.41 -2.34
CA SER A 363 10.68 19.12 -1.66
C SER A 363 10.83 17.96 -2.63
N ALA A 364 11.56 16.95 -2.20
CA ALA A 364 11.76 15.76 -3.01
C ALA A 364 10.45 14.98 -3.07
N CYS A 365 9.48 15.34 -2.23
CA CYS A 365 8.22 14.61 -2.25
C CYS A 365 7.03 15.47 -2.66
N HIS A 366 7.28 16.62 -3.29
CA HIS A 366 6.13 17.44 -3.69
C HIS A 366 5.44 16.81 -4.92
N VAL A 367 4.13 16.98 -5.00
CA VAL A 367 3.34 16.45 -6.11
C VAL A 367 3.36 17.41 -7.31
N HIS A 368 3.52 16.87 -8.51
CA HIS A 368 3.54 17.70 -9.71
C HIS A 368 3.17 16.88 -10.96
N ASP A 369 3.33 17.44 -12.16
CA ASP A 369 3.01 16.71 -13.38
C ASP A 369 4.24 16.74 -14.28
N GLU A 370 4.13 16.25 -15.50
CA GLU A 370 5.29 16.24 -16.37
C GLU A 370 5.60 17.59 -17.02
N PHE A 371 4.73 18.58 -16.82
CA PHE A 371 4.96 19.89 -17.41
C PHE A 371 5.48 21.00 -16.50
N ARG A 372 5.20 20.90 -15.19
CA ARG A 372 5.60 21.93 -14.21
C ARG A 372 6.06 21.33 -12.88
N THR A 373 6.87 22.10 -12.15
CA THR A 373 7.32 21.66 -10.84
C THR A 373 7.32 22.85 -9.87
N ALA A 374 7.32 22.57 -8.56
CA ALA A 374 7.40 23.67 -7.60
C ALA A 374 8.81 24.21 -7.78
N ALA A 375 9.07 25.41 -7.27
CA ALA A 375 10.41 25.98 -7.44
C ALA A 375 10.76 26.94 -6.32
N VAL A 376 12.05 27.17 -6.17
CA VAL A 376 12.58 28.11 -5.19
C VAL A 376 13.67 28.77 -6.01
N GLU A 377 13.50 30.04 -6.32
CA GLU A 377 14.45 30.70 -7.18
C GLU A 377 14.82 32.07 -6.69
N GLY A 378 16.03 32.48 -7.01
CA GLY A 378 16.49 33.81 -6.61
C GLY A 378 17.84 34.06 -7.25
N PRO A 379 18.46 35.22 -7.03
CA PRO A 379 17.98 36.32 -6.18
C PRO A 379 17.29 37.36 -7.04
N PHE A 380 16.46 38.18 -6.43
CA PHE A 380 15.78 39.24 -7.17
C PHE A 380 16.07 40.53 -6.45
N VAL A 381 16.24 41.61 -7.20
CA VAL A 381 16.49 42.89 -6.55
C VAL A 381 15.18 43.52 -6.09
N THR A 382 14.99 43.61 -4.78
CA THR A 382 13.78 44.21 -4.22
C THR A 382 14.17 45.32 -3.23
N LEU A 383 13.58 46.50 -3.39
CA LEU A 383 13.91 47.60 -2.48
C LEU A 383 12.88 47.82 -1.37
N ASP A 384 13.35 48.38 -0.26
CA ASP A 384 12.51 48.70 0.91
C ASP A 384 11.67 47.56 1.46
N MET A 385 12.22 46.35 1.48
CA MET A 385 11.49 45.19 1.97
C MET A 385 10.94 45.32 3.39
N GLU A 386 11.71 45.86 4.32
CA GLU A 386 11.19 45.98 5.68
C GLU A 386 9.90 46.82 5.68
N ASP A 387 9.75 47.68 4.67
CA ASP A 387 8.55 48.51 4.54
C ASP A 387 7.32 47.63 4.46
N CYS A 388 7.53 46.39 4.02
CA CYS A 388 6.46 45.41 3.85
C CYS A 388 5.97 44.85 5.18
N GLY A 389 6.80 44.95 6.21
CA GLY A 389 6.44 44.46 7.53
C GLY A 389 5.40 45.38 8.13
N TYR A 390 4.42 44.81 8.81
CA TYR A 390 3.38 45.61 9.43
C TYR A 390 3.74 45.91 10.88
N ASN A 391 3.49 47.13 11.33
CA ASN A 391 3.82 47.49 12.71
C ASN A 391 2.59 47.62 13.59
N GLY B 3 -25.21 -19.85 -12.08
CA GLY B 3 -25.42 -21.16 -12.75
C GLY B 3 -24.63 -21.26 -14.05
N SER B 4 -24.44 -20.10 -14.68
CA SER B 4 -23.72 -20.02 -15.95
C SER B 4 -23.07 -18.64 -16.11
N PHE B 5 -21.77 -18.63 -16.39
CA PHE B 5 -21.02 -17.38 -16.57
C PHE B 5 -20.24 -17.38 -17.88
N VAL B 6 -20.98 -17.39 -18.98
CA VAL B 6 -20.42 -17.43 -20.31
C VAL B 6 -19.27 -16.48 -20.61
N GLU B 7 -19.46 -15.17 -20.41
CA GLU B 7 -18.39 -14.22 -20.70
C GLU B 7 -17.04 -14.59 -20.10
N MET B 8 -17.07 -15.34 -19.00
CA MET B 8 -15.85 -15.74 -18.32
C MET B 8 -15.34 -17.16 -18.65
N VAL B 9 -16.20 -18.01 -19.19
CA VAL B 9 -15.79 -19.36 -19.54
C VAL B 9 -14.71 -19.31 -20.64
N ASP B 10 -13.65 -20.11 -20.47
CA ASP B 10 -12.54 -20.17 -21.42
C ASP B 10 -11.74 -18.84 -21.48
N ASN B 11 -11.57 -18.19 -20.34
CA ASN B 11 -10.82 -16.94 -20.31
C ASN B 11 -9.38 -17.12 -19.88
N LEU B 12 -8.91 -18.37 -19.84
CA LEU B 12 -7.54 -18.65 -19.42
C LEU B 12 -6.69 -19.31 -20.51
N ARG B 13 -5.39 -19.07 -20.47
CA ARG B 13 -4.48 -19.72 -21.41
C ARG B 13 -3.26 -20.14 -20.59
N GLY B 14 -2.49 -21.08 -21.12
CA GLY B 14 -1.29 -21.54 -20.43
C GLY B 14 -1.27 -23.04 -20.23
N LYS B 15 -0.39 -23.48 -19.31
CA LYS B 15 -0.21 -24.89 -18.99
C LYS B 15 0.46 -25.04 -17.62
N SER B 16 0.39 -26.23 -17.02
CA SER B 16 0.95 -26.42 -15.68
C SER B 16 2.40 -25.98 -15.46
N GLY B 17 3.25 -26.22 -16.45
CA GLY B 17 4.65 -25.87 -16.31
C GLY B 17 5.03 -24.40 -16.38
N GLN B 18 4.19 -23.60 -17.03
CA GLN B 18 4.50 -22.18 -17.15
C GLN B 18 3.44 -21.30 -16.53
N GLY B 19 2.38 -21.92 -16.02
CA GLY B 19 1.32 -21.16 -15.38
C GLY B 19 0.13 -20.82 -16.27
N TYR B 20 -0.99 -20.55 -15.62
CA TYR B 20 -2.20 -20.19 -16.34
C TYR B 20 -2.44 -18.71 -16.14
N TYR B 21 -2.83 -18.01 -17.20
CA TYR B 21 -3.02 -16.56 -17.07
C TYR B 21 -4.31 -16.01 -17.68
N VAL B 22 -4.69 -14.82 -17.24
CA VAL B 22 -5.91 -14.18 -17.72
C VAL B 22 -5.51 -12.78 -18.23
N GLU B 23 -6.26 -12.27 -19.21
CA GLU B 23 -5.99 -10.97 -19.76
C GLU B 23 -6.54 -9.93 -18.78
N MET B 24 -5.84 -8.82 -18.64
CA MET B 24 -6.28 -7.72 -17.78
C MET B 24 -5.79 -6.41 -18.39
N THR B 25 -6.41 -5.30 -18.01
CA THR B 25 -5.97 -3.99 -18.44
C THR B 25 -5.73 -3.11 -17.22
N VAL B 26 -4.66 -2.32 -17.24
CA VAL B 26 -4.40 -1.42 -16.14
C VAL B 26 -4.07 -0.05 -16.72
N GLY B 27 -4.50 0.99 -16.01
CA GLY B 27 -4.23 2.34 -16.43
C GLY B 27 -5.26 2.97 -17.37
N SER B 28 -5.02 4.24 -17.68
CA SER B 28 -5.87 5.02 -18.57
C SER B 28 -4.97 5.85 -19.49
N PRO B 29 -4.99 5.58 -20.80
CA PRO B 29 -5.79 4.53 -21.47
C PRO B 29 -5.41 3.13 -21.00
N PRO B 30 -6.32 2.14 -21.16
CA PRO B 30 -6.07 0.75 -20.75
C PRO B 30 -4.84 0.12 -21.37
N GLN B 31 -4.02 -0.52 -20.55
CA GLN B 31 -2.84 -1.22 -21.05
C GLN B 31 -3.08 -2.71 -20.82
N THR B 32 -3.21 -3.43 -21.94
CA THR B 32 -3.46 -4.86 -21.89
C THR B 32 -2.27 -5.65 -21.39
N LEU B 33 -2.52 -6.52 -20.42
CA LEU B 33 -1.44 -7.34 -19.87
C LEU B 33 -1.94 -8.75 -19.50
N ASN B 34 -1.08 -9.74 -19.73
CA ASN B 34 -1.40 -11.12 -19.41
C ASN B 34 -0.90 -11.34 -18.00
N ILE B 35 -1.81 -11.76 -17.12
CA ILE B 35 -1.51 -11.92 -15.69
C ILE B 35 -1.74 -13.32 -15.15
N LEU B 36 -0.67 -13.90 -14.59
CA LEU B 36 -0.67 -15.24 -13.99
C LEU B 36 -1.64 -15.36 -12.82
N VAL B 37 -2.46 -16.39 -12.82
CA VAL B 37 -3.42 -16.61 -11.74
C VAL B 37 -2.65 -17.39 -10.68
N ASP B 38 -2.45 -16.77 -9.51
CA ASP B 38 -1.67 -17.36 -8.40
C ASP B 38 -2.30 -17.36 -7.00
N THR B 39 -2.99 -18.44 -6.66
CA THR B 39 -3.64 -18.56 -5.36
C THR B 39 -2.62 -18.69 -4.19
N GLY B 40 -1.34 -18.89 -4.51
CA GLY B 40 -0.34 -19.02 -3.47
C GLY B 40 0.29 -17.72 -2.97
N SER B 41 -0.22 -16.59 -3.42
CA SER B 41 0.33 -15.32 -2.95
C SER B 41 -0.75 -14.25 -2.96
N SER B 42 -0.45 -13.09 -2.40
CA SER B 42 -1.42 -12.00 -2.26
C SER B 42 -1.06 -10.65 -2.89
N ASN B 43 0.02 -10.61 -3.67
CA ASN B 43 0.45 -9.40 -4.30
C ASN B 43 0.15 -9.33 -5.80
N PHE B 44 -0.45 -8.22 -6.24
CA PHE B 44 -0.74 -7.99 -7.66
C PHE B 44 0.48 -7.20 -8.18
N ALA B 45 1.19 -7.72 -9.18
CA ALA B 45 2.37 -7.04 -9.70
C ALA B 45 2.56 -7.29 -11.18
N VAL B 46 3.20 -6.34 -11.85
CA VAL B 46 3.44 -6.47 -13.26
C VAL B 46 4.80 -5.89 -13.61
N GLY B 47 5.46 -6.51 -14.57
CA GLY B 47 6.76 -6.03 -15.03
C GLY B 47 6.56 -4.59 -15.47
N ALA B 48 7.42 -3.68 -15.04
CA ALA B 48 7.25 -2.29 -15.40
C ALA B 48 8.40 -1.73 -16.21
N ALA B 49 9.33 -2.60 -16.61
CA ALA B 49 10.48 -2.19 -17.43
C ALA B 49 10.83 -3.35 -18.37
N PRO B 50 11.46 -3.04 -19.51
CA PRO B 50 11.81 -4.12 -20.43
C PRO B 50 12.58 -5.27 -19.78
N HIS B 51 12.42 -6.46 -20.35
CA HIS B 51 13.07 -7.64 -19.83
C HIS B 51 13.16 -8.64 -20.97
N PRO B 52 14.25 -9.41 -21.02
CA PRO B 52 14.44 -10.40 -22.06
C PRO B 52 13.24 -11.32 -22.32
N PHE B 53 12.43 -11.58 -21.30
CA PHE B 53 11.30 -12.49 -21.45
C PHE B 53 9.94 -11.81 -21.51
N LEU B 54 9.92 -10.48 -21.57
CA LEU B 54 8.63 -9.79 -21.61
C LEU B 54 8.38 -9.13 -22.96
N HIS B 55 7.16 -9.29 -23.49
CA HIS B 55 6.81 -8.69 -24.76
C HIS B 55 6.24 -7.30 -24.56
N ARG B 56 5.75 -7.04 -23.35
CA ARG B 56 5.16 -5.74 -23.02
C ARG B 56 5.18 -5.60 -21.51
N TYR B 57 5.01 -4.39 -21.02
CA TYR B 57 5.05 -4.18 -19.60
C TYR B 57 4.33 -2.90 -19.27
N TYR B 58 4.09 -2.70 -17.98
CA TYR B 58 3.38 -1.55 -17.47
C TYR B 58 4.24 -0.30 -17.52
N GLN B 59 3.65 0.75 -18.08
CA GLN B 59 4.27 2.07 -18.24
C GLN B 59 3.42 3.08 -17.48
N ARG B 60 3.80 3.33 -16.23
CA ARG B 60 3.09 4.25 -15.35
C ARG B 60 2.97 5.66 -15.87
N GLN B 61 4.02 6.14 -16.55
CA GLN B 61 4.04 7.49 -17.11
C GLN B 61 2.97 7.70 -18.18
N LEU B 62 2.45 6.60 -18.74
CA LEU B 62 1.43 6.69 -19.78
C LEU B 62 0.01 6.56 -19.25
N SER B 63 -0.12 6.29 -17.96
CA SER B 63 -1.44 6.15 -17.36
C SER B 63 -1.76 7.40 -16.57
N SER B 64 -2.89 8.01 -16.91
CA SER B 64 -3.32 9.22 -16.27
C SER B 64 -3.90 8.97 -14.88
N THR B 65 -4.34 7.75 -14.64
CA THR B 65 -4.94 7.41 -13.35
C THR B 65 -3.98 6.73 -12.35
N TYR B 66 -2.71 6.65 -12.72
CA TYR B 66 -1.69 6.05 -11.87
C TYR B 66 -1.41 6.89 -10.60
N ARG B 67 -1.28 6.24 -9.45
CA ARG B 67 -0.99 6.95 -8.21
C ARG B 67 0.25 6.33 -7.60
N ASP B 68 1.23 7.16 -7.26
CA ASP B 68 2.49 6.69 -6.69
C ASP B 68 2.47 6.57 -5.16
N LEU B 69 2.59 5.36 -4.65
CA LEU B 69 2.56 5.18 -3.21
C LEU B 69 3.91 5.52 -2.58
N ARG B 70 4.91 5.78 -3.42
CA ARG B 70 6.23 6.15 -2.93
C ARG B 70 6.73 5.14 -1.89
N LYS B 71 6.59 3.86 -2.20
CA LYS B 71 7.04 2.80 -1.30
C LYS B 71 7.50 1.59 -2.10
N GLY B 72 8.69 1.09 -1.79
CA GLY B 72 9.23 -0.08 -2.46
C GLY B 72 8.68 -1.34 -1.81
N VAL B 73 8.79 -2.48 -2.51
CA VAL B 73 8.28 -3.73 -1.98
C VAL B 73 9.14 -4.86 -2.53
N TYR B 74 9.44 -5.82 -1.67
CA TYR B 74 10.25 -6.99 -2.00
C TYR B 74 9.40 -8.25 -1.81
N VAL B 75 9.33 -9.11 -2.84
CA VAL B 75 8.52 -10.34 -2.75
C VAL B 75 9.25 -11.61 -3.21
N PRO B 76 9.64 -12.48 -2.26
CA PRO B 76 10.33 -13.74 -2.55
C PRO B 76 9.36 -14.91 -2.53
N TYR B 77 9.48 -15.81 -3.51
CA TYR B 77 8.62 -16.99 -3.59
C TYR B 77 9.47 -18.27 -3.41
N THR B 78 8.83 -19.43 -3.37
CA THR B 78 9.58 -20.68 -3.22
C THR B 78 10.66 -20.71 -4.28
N GLN B 79 10.32 -20.22 -5.47
CA GLN B 79 11.26 -20.12 -6.57
C GLN B 79 11.02 -18.78 -7.28
N GLY B 80 12.04 -17.94 -7.27
CA GLY B 80 11.91 -16.65 -7.92
C GLY B 80 11.63 -15.53 -6.93
N LYS B 81 11.97 -14.31 -7.34
CA LYS B 81 11.77 -13.15 -6.47
C LYS B 81 11.82 -11.85 -7.27
N TRP B 82 11.22 -10.79 -6.76
CA TRP B 82 11.29 -9.54 -7.47
C TRP B 82 11.22 -8.35 -6.56
N GLU B 83 11.68 -7.22 -7.08
CA GLU B 83 11.71 -5.95 -6.38
C GLU B 83 10.84 -5.01 -7.19
N GLY B 84 10.04 -4.19 -6.53
CA GLY B 84 9.20 -3.28 -7.30
C GLY B 84 8.78 -2.03 -6.52
N GLU B 85 8.02 -1.18 -7.21
CA GLU B 85 7.54 0.07 -6.65
C GLU B 85 6.02 0.05 -6.53
N LEU B 86 5.54 0.37 -5.34
CA LEU B 86 4.10 0.37 -5.06
C LEU B 86 3.32 1.59 -5.60
N GLY B 87 2.09 1.33 -5.99
CA GLY B 87 1.21 2.37 -6.51
C GLY B 87 -0.18 1.79 -6.67
N THR B 88 -1.10 2.57 -7.23
CA THR B 88 -2.47 2.11 -7.49
C THR B 88 -2.88 2.63 -8.87
N ASP B 89 -3.77 1.91 -9.53
CA ASP B 89 -4.28 2.30 -10.85
C ASP B 89 -5.61 1.59 -11.01
N LEU B 90 -6.37 2.00 -12.01
CA LEU B 90 -7.64 1.39 -12.28
C LEU B 90 -7.33 0.10 -13.02
N VAL B 91 -8.10 -0.94 -12.74
CA VAL B 91 -7.90 -2.24 -13.39
C VAL B 91 -9.24 -2.84 -13.85
N SER B 92 -9.20 -3.56 -14.97
CA SER B 92 -10.40 -4.21 -15.49
C SER B 92 -10.01 -5.57 -16.05
N ILE B 93 -10.97 -6.48 -16.12
CA ILE B 93 -10.73 -7.81 -16.67
C ILE B 93 -11.67 -7.97 -17.87
N PRO B 94 -11.13 -7.80 -19.10
CA PRO B 94 -11.95 -7.92 -20.31
C PRO B 94 -12.92 -9.09 -20.30
N HIS B 95 -12.44 -10.26 -19.89
CA HIS B 95 -13.32 -11.43 -19.85
C HIS B 95 -13.61 -11.80 -18.42
N GLY B 96 -14.11 -10.84 -17.65
CA GLY B 96 -14.46 -11.07 -16.26
C GLY B 96 -15.65 -10.17 -15.99
N PRO B 97 -16.03 -9.91 -14.73
CA PRO B 97 -17.20 -9.03 -14.54
C PRO B 97 -16.95 -7.72 -15.27
N ASN B 98 -18.00 -6.94 -15.50
CA ASN B 98 -17.83 -5.67 -16.17
C ASN B 98 -17.71 -4.61 -15.10
N VAL B 99 -16.55 -4.54 -14.48
CA VAL B 99 -16.31 -3.55 -13.45
C VAL B 99 -14.87 -3.10 -13.57
N THR B 100 -14.58 -1.95 -13.00
CA THR B 100 -13.25 -1.39 -12.99
C THR B 100 -13.04 -1.06 -11.53
N VAL B 101 -11.88 -1.37 -10.97
CA VAL B 101 -11.63 -1.05 -9.57
C VAL B 101 -10.25 -0.45 -9.42
N ARG B 102 -10.02 0.28 -8.34
CA ARG B 102 -8.70 0.85 -8.13
C ARG B 102 -8.04 -0.13 -7.20
N ALA B 103 -6.94 -0.73 -7.67
CA ALA B 103 -6.26 -1.73 -6.88
C ALA B 103 -4.81 -1.40 -6.72
N ASN B 104 -4.17 -2.04 -5.74
CA ASN B 104 -2.77 -1.82 -5.49
C ASN B 104 -2.02 -2.56 -6.58
N ILE B 105 -0.90 -2.00 -7.00
CA ILE B 105 -0.08 -2.60 -8.06
C ILE B 105 1.40 -2.37 -7.77
N ALA B 106 2.17 -3.45 -7.82
CA ALA B 106 3.60 -3.32 -7.58
C ALA B 106 4.19 -3.29 -8.98
N ALA B 107 4.97 -2.26 -9.28
CA ALA B 107 5.59 -2.17 -10.61
C ALA B 107 6.94 -2.83 -10.45
N ILE B 108 7.08 -4.04 -10.99
CA ILE B 108 8.32 -4.80 -10.88
C ILE B 108 9.46 -4.13 -11.62
N THR B 109 10.49 -3.72 -10.89
CA THR B 109 11.64 -3.07 -11.51
C THR B 109 12.89 -3.94 -11.61
N GLU B 110 12.94 -5.00 -10.79
CA GLU B 110 14.07 -5.93 -10.78
C GLU B 110 13.54 -7.33 -10.44
N SER B 111 14.11 -8.36 -11.05
CA SER B 111 13.64 -9.69 -10.77
C SER B 111 14.72 -10.73 -10.95
N ASP B 112 14.45 -11.92 -10.42
CA ASP B 112 15.37 -13.03 -10.52
C ASP B 112 14.60 -14.34 -10.61
N LYS B 113 14.72 -15.02 -11.75
CA LYS B 113 14.04 -16.31 -11.94
C LYS B 113 12.53 -16.23 -11.72
N PHE B 114 11.98 -15.04 -11.92
CA PHE B 114 10.54 -14.85 -11.77
C PHE B 114 9.83 -15.04 -13.10
N PHE B 115 10.17 -14.22 -14.08
CA PHE B 115 9.55 -14.29 -15.40
C PHE B 115 9.95 -15.56 -16.13
N ILE B 116 9.03 -16.05 -16.95
CA ILE B 116 9.22 -17.29 -17.69
C ILE B 116 9.31 -17.08 -19.18
N ASN B 117 10.46 -17.40 -19.74
CA ASN B 117 10.65 -17.25 -21.17
C ASN B 117 9.54 -17.99 -21.93
N GLY B 118 8.74 -17.24 -22.69
CA GLY B 118 7.67 -17.85 -23.48
C GLY B 118 6.34 -18.10 -22.80
N SER B 119 6.24 -17.81 -21.52
CA SER B 119 5.01 -18.04 -20.75
C SER B 119 3.86 -17.19 -21.27
N ASN B 120 4.24 -16.05 -21.84
CA ASN B 120 3.30 -15.06 -22.37
C ASN B 120 2.57 -14.24 -21.31
N TRP B 121 3.03 -14.31 -20.05
CA TRP B 121 2.43 -13.49 -19.00
C TRP B 121 3.49 -12.55 -18.48
N GLU B 122 3.05 -11.33 -18.16
CA GLU B 122 3.95 -10.27 -17.71
C GLU B 122 3.71 -9.82 -16.28
N GLY B 123 2.73 -10.42 -15.62
CA GLY B 123 2.44 -10.00 -14.26
C GLY B 123 1.87 -11.16 -13.47
N ILE B 124 1.53 -10.90 -12.21
CA ILE B 124 1.00 -11.95 -11.34
C ILE B 124 -0.16 -11.42 -10.52
N LEU B 125 -1.17 -12.25 -10.34
CA LEU B 125 -2.34 -11.89 -9.56
C LEU B 125 -2.42 -12.78 -8.35
N GLY B 126 -1.93 -12.28 -7.22
CA GLY B 126 -1.96 -13.05 -5.99
C GLY B 126 -3.38 -13.01 -5.45
N LEU B 127 -4.05 -14.16 -5.44
CA LEU B 127 -5.43 -14.23 -4.98
C LEU B 127 -5.63 -14.67 -3.52
N ALA B 128 -4.55 -14.85 -2.77
CA ALA B 128 -4.68 -15.26 -1.37
C ALA B 128 -4.93 -14.05 -0.47
N TYR B 129 -4.91 -14.24 0.85
CA TYR B 129 -5.22 -13.15 1.78
C TYR B 129 -4.13 -12.16 2.24
N ALA B 130 -4.58 -11.01 2.75
CA ALA B 130 -3.67 -9.94 3.19
C ALA B 130 -2.57 -10.38 4.14
N GLU B 131 -2.87 -11.38 4.96
CA GLU B 131 -1.90 -11.85 5.92
C GLU B 131 -0.51 -12.08 5.32
N ILE B 132 -0.47 -12.62 4.10
CA ILE B 132 0.81 -12.90 3.46
C ILE B 132 1.25 -11.90 2.37
N ALA B 133 0.55 -10.76 2.27
CA ALA B 133 0.92 -9.74 1.31
C ALA B 133 2.18 -9.04 1.78
N ARG B 134 3.04 -8.62 0.86
CA ARG B 134 4.24 -7.85 1.21
C ARG B 134 3.88 -6.44 0.82
N PRO B 135 4.35 -5.42 1.56
CA PRO B 135 5.21 -5.44 2.76
C PRO B 135 4.55 -6.02 3.99
N ASP B 136 3.25 -5.79 4.14
CA ASP B 136 2.51 -6.27 5.29
C ASP B 136 1.05 -6.35 4.93
N ASP B 137 0.23 -6.83 5.85
CA ASP B 137 -1.19 -6.97 5.59
C ASP B 137 -1.95 -5.69 5.36
N SER B 138 -1.27 -4.54 5.41
CA SER B 138 -2.00 -3.32 5.13
C SER B 138 -2.13 -3.13 3.61
N LEU B 139 -1.35 -3.86 2.82
CA LEU B 139 -1.45 -3.72 1.36
C LEU B 139 -2.61 -4.58 0.83
N GLU B 140 -3.78 -3.96 0.73
CA GLU B 140 -4.99 -4.65 0.28
C GLU B 140 -4.86 -5.44 -1.03
N PRO B 141 -5.10 -6.75 -0.97
CA PRO B 141 -5.02 -7.65 -2.12
C PRO B 141 -6.07 -7.32 -3.18
N PHE B 142 -5.75 -7.64 -4.44
CA PHE B 142 -6.64 -7.35 -5.53
C PHE B 142 -8.08 -7.85 -5.33
N PHE B 143 -8.24 -9.10 -4.91
CA PHE B 143 -9.59 -9.61 -4.77
C PHE B 143 -10.42 -8.91 -3.72
N ASP B 144 -9.77 -8.44 -2.66
CA ASP B 144 -10.49 -7.74 -1.61
C ASP B 144 -11.01 -6.40 -2.14
N SER B 145 -10.16 -5.67 -2.86
CA SER B 145 -10.57 -4.39 -3.42
C SER B 145 -11.74 -4.66 -4.38
N LEU B 146 -11.62 -5.73 -5.17
CA LEU B 146 -12.68 -6.05 -6.11
C LEU B 146 -14.01 -6.19 -5.36
N VAL B 147 -14.05 -7.08 -4.39
CA VAL B 147 -15.27 -7.29 -3.62
C VAL B 147 -15.73 -6.03 -2.89
N LYS B 148 -14.79 -5.33 -2.25
CA LYS B 148 -15.12 -4.12 -1.52
C LYS B 148 -15.66 -3.00 -2.42
N GLN B 149 -15.18 -2.93 -3.66
CA GLN B 149 -15.60 -1.86 -4.59
C GLN B 149 -16.75 -2.16 -5.54
N THR B 150 -17.15 -3.43 -5.67
CA THR B 150 -18.22 -3.80 -6.58
C THR B 150 -19.24 -4.67 -5.87
N HIS B 151 -20.11 -5.31 -6.64
CA HIS B 151 -21.08 -6.21 -6.04
C HIS B 151 -20.77 -7.65 -6.39
N VAL B 152 -19.55 -7.87 -6.88
CA VAL B 152 -19.14 -9.23 -7.22
C VAL B 152 -19.16 -10.06 -5.93
N PRO B 153 -19.81 -11.23 -5.95
CA PRO B 153 -19.83 -12.05 -4.72
C PRO B 153 -18.39 -12.44 -4.33
N ASN B 154 -18.15 -12.63 -3.04
CA ASN B 154 -16.83 -12.97 -2.51
C ASN B 154 -16.49 -14.43 -2.73
N LEU B 155 -16.21 -14.78 -3.99
CA LEU B 155 -15.88 -16.15 -4.35
C LEU B 155 -15.36 -16.21 -5.78
N PHE B 156 -14.54 -17.21 -6.08
CA PHE B 156 -14.06 -17.40 -7.45
C PHE B 156 -13.74 -18.88 -7.64
N SER B 157 -13.81 -19.34 -8.88
CA SER B 157 -13.52 -20.75 -9.14
C SER B 157 -12.57 -20.88 -10.30
N LEU B 158 -11.80 -21.96 -10.29
CA LEU B 158 -10.81 -22.20 -11.31
C LEU B 158 -10.89 -23.58 -11.93
N GLN B 159 -10.87 -23.58 -13.25
CA GLN B 159 -10.86 -24.82 -14.00
C GLN B 159 -9.59 -24.71 -14.84
N LEU B 160 -8.53 -25.41 -14.43
CA LEU B 160 -7.28 -25.40 -15.19
C LEU B 160 -7.28 -26.67 -16.04
N CYS B 161 -7.10 -26.49 -17.35
CA CYS B 161 -7.11 -27.63 -18.27
C CYS B 161 -5.79 -28.07 -18.89
N GLY B 162 -5.23 -29.18 -18.37
CA GLY B 162 -4.00 -29.71 -18.92
C GLY B 162 -4.38 -30.42 -20.23
N ALA B 163 -3.55 -30.31 -21.26
CA ALA B 163 -3.85 -30.93 -22.55
C ALA B 163 -3.59 -32.44 -22.61
N GLY B 164 -2.65 -32.92 -21.81
CA GLY B 164 -2.34 -34.35 -21.83
C GLY B 164 -1.20 -34.63 -22.80
N PHE B 165 -0.79 -33.60 -23.51
CA PHE B 165 0.30 -33.69 -24.48
C PHE B 165 0.96 -32.32 -24.50
N PRO B 166 2.18 -32.23 -25.05
CA PRO B 166 2.85 -30.93 -25.07
C PRO B 166 2.25 -29.94 -26.07
N LEU B 167 2.42 -28.64 -25.80
CA LEU B 167 1.91 -27.59 -26.67
C LEU B 167 3.07 -26.63 -26.91
N ASN B 168 3.29 -26.22 -28.16
CA ASN B 168 4.36 -25.27 -28.42
C ASN B 168 3.74 -23.88 -28.12
N GLN B 169 4.52 -22.82 -28.24
CA GLN B 169 3.96 -21.51 -27.92
C GLN B 169 2.82 -21.13 -28.84
N SER B 170 2.93 -21.51 -30.10
CA SER B 170 1.87 -21.23 -31.07
C SER B 170 0.60 -21.88 -30.57
N GLU B 171 0.72 -23.14 -30.16
CA GLU B 171 -0.41 -23.89 -29.65
C GLU B 171 -0.98 -23.30 -28.37
N VAL B 172 -0.11 -23.01 -27.41
CA VAL B 172 -0.60 -22.46 -26.16
C VAL B 172 -1.22 -21.10 -26.33
N LEU B 173 -0.71 -20.30 -27.27
CA LEU B 173 -1.27 -18.98 -27.52
C LEU B 173 -2.62 -19.11 -28.18
N ALA B 174 -2.82 -20.17 -28.96
CA ALA B 174 -4.08 -20.36 -29.67
C ALA B 174 -5.09 -21.28 -28.98
N SER B 175 -4.67 -21.96 -27.91
CA SER B 175 -5.58 -22.87 -27.21
C SER B 175 -6.20 -22.29 -25.95
N VAL B 176 -7.39 -22.80 -25.61
CA VAL B 176 -8.07 -22.36 -24.40
C VAL B 176 -7.43 -23.13 -23.25
N GLY B 177 -6.94 -22.41 -22.25
CA GLY B 177 -6.33 -23.10 -21.14
C GLY B 177 -7.26 -23.37 -19.97
N GLY B 178 -8.44 -22.76 -19.97
CA GLY B 178 -9.34 -23.02 -18.85
C GLY B 178 -10.24 -21.85 -18.50
N SER B 179 -10.75 -21.84 -17.28
CA SER B 179 -11.66 -20.78 -16.88
C SER B 179 -11.43 -20.31 -15.46
N MET B 180 -11.57 -19.01 -15.27
CA MET B 180 -11.52 -18.42 -13.96
C MET B 180 -12.84 -17.68 -13.92
N ILE B 181 -13.80 -18.22 -13.17
CA ILE B 181 -15.12 -17.62 -13.00
C ILE B 181 -15.07 -16.76 -11.74
N ILE B 182 -15.17 -15.46 -11.95
CA ILE B 182 -15.09 -14.49 -10.86
C ILE B 182 -16.47 -14.20 -10.28
N GLY B 183 -16.62 -14.49 -8.98
CA GLY B 183 -17.89 -14.24 -8.32
C GLY B 183 -18.96 -15.27 -8.58
N GLY B 184 -18.57 -16.48 -8.96
CA GLY B 184 -19.57 -17.49 -9.22
C GLY B 184 -19.02 -18.87 -9.51
N ILE B 185 -19.93 -19.77 -9.84
CA ILE B 185 -19.63 -21.17 -10.16
C ILE B 185 -20.36 -21.42 -11.46
N ASP B 186 -19.71 -22.12 -12.39
CA ASP B 186 -20.35 -22.41 -13.65
C ASP B 186 -20.52 -23.91 -13.72
N HIS B 187 -21.77 -24.38 -13.86
CA HIS B 187 -22.05 -25.82 -13.90
C HIS B 187 -21.49 -26.59 -15.09
N SER B 188 -21.13 -25.91 -16.17
CA SER B 188 -20.61 -26.66 -17.31
C SER B 188 -19.15 -27.06 -17.12
N LEU B 189 -18.52 -26.58 -16.06
CA LEU B 189 -17.10 -26.87 -15.83
C LEU B 189 -16.80 -28.17 -15.05
N TYR B 190 -17.82 -28.79 -14.47
CA TYR B 190 -17.60 -30.03 -13.72
C TYR B 190 -18.72 -31.06 -13.84
N THR B 191 -18.48 -32.27 -13.33
CA THR B 191 -19.47 -33.34 -13.31
C THR B 191 -19.56 -33.86 -11.88
N GLY B 192 -20.69 -34.44 -11.51
CA GLY B 192 -20.83 -34.95 -10.16
C GLY B 192 -21.04 -33.82 -9.19
N SER B 193 -20.78 -34.08 -7.92
CA SER B 193 -21.00 -33.06 -6.91
C SER B 193 -19.73 -32.36 -6.51
N LEU B 194 -19.93 -31.21 -5.88
CA LEU B 194 -18.87 -30.39 -5.33
C LEU B 194 -18.75 -30.77 -3.86
N TRP B 195 -17.54 -31.06 -3.39
CA TRP B 195 -17.35 -31.38 -1.99
C TRP B 195 -16.47 -30.31 -1.39
N TYR B 196 -16.82 -29.85 -0.20
CA TYR B 196 -16.09 -28.77 0.44
C TYR B 196 -15.27 -29.15 1.68
N THR B 197 -14.07 -28.58 1.77
CA THR B 197 -13.23 -28.77 2.93
C THR B 197 -13.06 -27.33 3.46
N PRO B 198 -13.00 -27.15 4.79
CA PRO B 198 -12.85 -25.78 5.31
C PRO B 198 -11.46 -25.19 5.10
N ILE B 199 -11.42 -23.87 4.96
CA ILE B 199 -10.16 -23.15 4.84
C ILE B 199 -9.78 -23.01 6.31
N ARG B 200 -8.69 -23.67 6.71
CA ARG B 200 -8.25 -23.66 8.10
C ARG B 200 -7.97 -22.26 8.63
N ARG B 201 -7.23 -21.47 7.84
CA ARG B 201 -6.87 -20.11 8.20
C ARG B 201 -6.74 -19.28 6.92
N GLU B 202 -7.24 -18.06 6.97
CA GLU B 202 -7.17 -17.19 5.83
C GLU B 202 -5.87 -16.45 5.69
N TRP B 203 -4.91 -17.09 5.03
CA TRP B 203 -3.61 -16.48 4.75
C TRP B 203 -3.34 -17.08 3.38
N TYR B 204 -2.78 -18.29 3.30
CA TYR B 204 -2.65 -19.00 2.01
C TYR B 204 -4.04 -19.68 2.00
N TYR B 205 -4.38 -20.41 0.94
CA TYR B 205 -5.64 -21.13 0.98
C TYR B 205 -5.21 -22.46 1.59
N GLU B 206 -5.22 -22.52 2.92
CA GLU B 206 -4.79 -23.73 3.64
C GLU B 206 -5.91 -24.70 3.96
N VAL B 207 -5.62 -25.98 3.78
CA VAL B 207 -6.59 -27.03 4.05
C VAL B 207 -5.92 -28.12 4.85
N ILE B 208 -6.68 -29.15 5.21
CA ILE B 208 -6.14 -30.22 6.01
C ILE B 208 -6.37 -31.59 5.36
N ILE B 209 -5.27 -32.30 5.12
CA ILE B 209 -5.33 -33.63 4.54
C ILE B 209 -5.36 -34.60 5.72
N VAL B 210 -6.26 -35.58 5.68
CA VAL B 210 -6.39 -36.52 6.80
C VAL B 210 -6.01 -37.96 6.49
N ARG B 211 -5.74 -38.25 5.21
CA ARG B 211 -5.36 -39.60 4.81
C ARG B 211 -4.87 -39.54 3.36
N VAL B 212 -3.94 -40.42 3.03
CA VAL B 212 -3.37 -40.51 1.69
C VAL B 212 -3.27 -41.97 1.29
N GLU B 213 -3.76 -42.27 0.10
CA GLU B 213 -3.73 -43.63 -0.44
C GLU B 213 -3.06 -43.67 -1.80
N ILE B 214 -2.42 -44.79 -2.08
CA ILE B 214 -1.80 -45.04 -3.37
C ILE B 214 -2.48 -46.34 -3.84
N ASN B 215 -3.29 -46.26 -4.90
CA ASN B 215 -4.04 -47.41 -5.40
C ASN B 215 -4.76 -48.09 -4.24
N GLY B 216 -5.47 -47.28 -3.46
CA GLY B 216 -6.23 -47.75 -2.32
C GLY B 216 -5.45 -48.18 -1.09
N GLN B 217 -4.12 -48.22 -1.17
CA GLN B 217 -3.34 -48.65 -0.02
C GLN B 217 -2.95 -47.45 0.85
N ASP B 218 -3.29 -47.52 2.13
CA ASP B 218 -2.98 -46.44 3.07
C ASP B 218 -1.48 -46.18 3.26
N LEU B 219 -1.05 -44.95 3.05
CA LEU B 219 0.35 -44.56 3.24
C LEU B 219 0.60 -44.76 4.73
N LYS B 220 -0.50 -44.79 5.48
CA LYS B 220 -0.51 -45.03 6.92
C LYS B 220 0.44 -44.20 7.77
N MET B 221 0.47 -42.89 7.53
CA MET B 221 1.32 -42.04 8.32
C MET B 221 0.48 -41.22 9.29
N ASP B 222 1.13 -40.69 10.32
CA ASP B 222 0.50 -39.82 11.31
C ASP B 222 -0.08 -38.70 10.42
N CYS B 223 -1.37 -38.43 10.51
CA CYS B 223 -1.96 -37.43 9.63
C CYS B 223 -1.42 -36.00 9.76
N LYS B 224 -0.60 -35.72 10.78
CA LYS B 224 -0.03 -34.39 10.95
C LYS B 224 1.09 -34.22 9.95
N GLU B 225 1.71 -35.35 9.60
CA GLU B 225 2.82 -35.36 8.65
C GLU B 225 2.38 -34.90 7.26
N TYR B 226 1.12 -35.13 6.93
CA TYR B 226 0.61 -34.75 5.62
C TYR B 226 0.47 -33.24 5.54
N ASN B 227 0.39 -32.59 6.68
CA ASN B 227 0.25 -31.16 6.70
C ASN B 227 1.42 -30.62 7.52
N TYR B 228 2.51 -31.37 7.54
CA TYR B 228 3.64 -30.93 8.33
C TYR B 228 4.09 -29.59 7.82
N ASP B 229 3.76 -28.61 8.65
CA ASP B 229 3.98 -27.21 8.46
C ASP B 229 2.62 -26.70 7.98
N LYS B 230 2.25 -27.04 6.74
CA LYS B 230 0.96 -26.62 6.20
C LYS B 230 0.63 -27.29 4.86
N SER B 231 -0.61 -27.14 4.43
CA SER B 231 -1.08 -27.69 3.18
C SER B 231 -1.90 -26.61 2.52
N ILE B 232 -1.50 -26.24 1.32
CA ILE B 232 -2.18 -25.20 0.59
C ILE B 232 -2.49 -25.59 -0.84
N VAL B 233 -3.40 -24.84 -1.45
CA VAL B 233 -3.78 -25.02 -2.84
C VAL B 233 -3.16 -23.86 -3.59
N ASP B 234 -2.28 -24.17 -4.55
CA ASP B 234 -1.59 -23.11 -5.28
C ASP B 234 -1.55 -23.28 -6.78
N SER B 235 -2.32 -22.44 -7.48
CA SER B 235 -2.39 -22.50 -8.93
C SER B 235 -1.04 -22.09 -9.54
N GLY B 236 -0.25 -21.37 -8.77
CA GLY B 236 1.03 -20.91 -9.27
C GLY B 236 2.18 -21.87 -9.06
N THR B 237 1.88 -23.06 -8.55
CA THR B 237 2.93 -24.06 -8.37
C THR B 237 2.58 -25.18 -9.34
N THR B 238 3.58 -25.65 -10.09
CA THR B 238 3.34 -26.72 -11.06
C THR B 238 2.98 -28.06 -10.41
N ASN B 239 3.92 -28.60 -9.65
CA ASN B 239 3.79 -29.90 -9.01
C ASN B 239 2.95 -30.08 -7.78
N LEU B 240 2.82 -31.35 -7.41
CA LEU B 240 2.15 -31.73 -6.19
C LEU B 240 3.41 -31.78 -5.34
N ARG B 241 3.48 -30.94 -4.30
CA ARG B 241 4.64 -30.96 -3.43
C ARG B 241 4.24 -31.55 -2.09
N LEU B 242 5.07 -32.46 -1.56
CA LEU B 242 4.75 -33.12 -0.30
C LEU B 242 5.91 -33.03 0.68
N PRO B 243 5.60 -32.94 1.99
CA PRO B 243 6.67 -32.86 3.00
C PRO B 243 7.61 -34.03 2.76
N LYS B 244 8.91 -33.78 2.91
CA LYS B 244 9.94 -34.79 2.68
C LYS B 244 9.62 -36.22 3.13
N LYS B 245 9.14 -36.40 4.36
CA LYS B 245 8.82 -37.74 4.85
C LYS B 245 7.65 -38.36 4.11
N VAL B 246 6.62 -37.56 3.83
CA VAL B 246 5.45 -38.02 3.08
C VAL B 246 5.91 -38.35 1.66
N PHE B 247 6.67 -37.43 1.07
CA PHE B 247 7.18 -37.60 -0.28
C PHE B 247 7.94 -38.91 -0.45
N GLU B 248 8.86 -39.19 0.47
CA GLU B 248 9.65 -40.41 0.43
C GLU B 248 8.77 -41.64 0.48
N ALA B 249 7.83 -41.65 1.43
CA ALA B 249 6.94 -42.80 1.57
C ALA B 249 6.08 -42.95 0.34
N ALA B 250 5.70 -41.83 -0.26
CA ALA B 250 4.85 -41.86 -1.44
C ALA B 250 5.59 -42.43 -2.66
N VAL B 251 6.82 -42.00 -2.86
CA VAL B 251 7.57 -42.48 -4.02
C VAL B 251 7.94 -43.95 -3.91
N LYS B 252 8.23 -44.42 -2.71
CA LYS B 252 8.57 -45.83 -2.57
C LYS B 252 7.29 -46.60 -2.93
N SER B 253 6.15 -46.06 -2.51
CA SER B 253 4.88 -46.70 -2.81
C SER B 253 4.55 -46.66 -4.31
N ILE B 254 4.68 -45.48 -4.94
CA ILE B 254 4.38 -45.36 -6.37
C ILE B 254 5.34 -46.25 -7.17
N LYS B 255 6.61 -46.30 -6.77
CA LYS B 255 7.59 -47.16 -7.43
C LYS B 255 7.13 -48.62 -7.30
N ALA B 256 6.73 -48.98 -6.10
CA ALA B 256 6.27 -50.34 -5.80
C ALA B 256 5.15 -50.74 -6.75
N ALA B 257 4.15 -49.89 -6.86
CA ALA B 257 3.02 -50.19 -7.72
C ALA B 257 3.40 -50.27 -9.20
N SER B 258 4.37 -49.47 -9.63
CA SER B 258 4.79 -49.47 -11.04
C SER B 258 6.06 -50.28 -11.34
N SER B 259 6.46 -51.14 -10.41
CA SER B 259 7.68 -51.93 -10.60
C SER B 259 7.84 -52.80 -11.87
N THR B 260 6.79 -52.98 -12.68
CA THR B 260 6.95 -53.80 -13.90
C THR B 260 7.89 -53.09 -14.87
N GLU B 261 8.17 -51.83 -14.59
CA GLU B 261 9.09 -51.06 -15.40
C GLU B 261 9.98 -50.27 -14.45
N LYS B 262 11.23 -50.10 -14.83
CA LYS B 262 12.16 -49.39 -13.97
C LYS B 262 12.61 -48.07 -14.55
N PHE B 263 12.60 -47.04 -13.71
CA PHE B 263 12.99 -45.71 -14.15
C PHE B 263 14.18 -45.17 -13.34
N PRO B 264 15.06 -44.39 -13.99
CA PRO B 264 16.23 -43.80 -13.33
C PRO B 264 15.80 -42.91 -12.17
N ASP B 265 16.70 -42.72 -11.21
CA ASP B 265 16.38 -41.88 -10.07
C ASP B 265 16.05 -40.48 -10.57
N GLY B 266 16.82 -40.02 -11.54
CA GLY B 266 16.59 -38.71 -12.10
C GLY B 266 15.12 -38.48 -12.42
N PHE B 267 14.41 -39.55 -12.80
CA PHE B 267 12.98 -39.43 -13.12
C PHE B 267 12.18 -39.18 -11.85
N TRP B 268 12.40 -40.00 -10.83
CA TRP B 268 11.68 -39.85 -9.58
C TRP B 268 12.05 -38.55 -8.88
N LEU B 269 13.22 -38.01 -9.22
CA LEU B 269 13.67 -36.75 -8.63
C LEU B 269 13.04 -35.59 -9.41
N GLY B 270 12.20 -35.92 -10.37
CA GLY B 270 11.53 -34.92 -11.18
C GLY B 270 12.45 -34.15 -12.11
N GLU B 271 13.67 -34.65 -12.25
CA GLU B 271 14.66 -33.98 -13.07
C GLU B 271 14.64 -34.35 -14.55
N GLN B 272 14.42 -35.61 -14.85
CA GLN B 272 14.43 -36.01 -16.25
C GLN B 272 13.18 -36.70 -16.73
N LEU B 273 12.97 -36.65 -18.02
CA LEU B 273 11.80 -37.23 -18.60
C LEU B 273 11.94 -38.71 -18.93
N VAL B 274 10.79 -39.33 -19.16
CA VAL B 274 10.72 -40.73 -19.56
C VAL B 274 9.88 -40.63 -20.82
N CYS B 275 10.16 -41.47 -21.80
CA CYS B 275 9.40 -41.44 -23.05
C CYS B 275 9.06 -42.86 -23.47
N TRP B 276 7.94 -42.98 -24.17
CA TRP B 276 7.45 -44.25 -24.68
C TRP B 276 7.04 -44.02 -26.13
N GLN B 277 7.00 -45.07 -26.94
CA GLN B 277 6.62 -44.90 -28.32
C GLN B 277 5.23 -44.28 -28.37
N ALA B 278 5.05 -43.40 -29.33
CA ALA B 278 3.78 -42.71 -29.51
C ALA B 278 2.59 -43.59 -29.23
N GLY B 279 1.73 -43.13 -28.31
CA GLY B 279 0.53 -43.86 -27.96
C GLY B 279 0.64 -45.00 -26.98
N THR B 280 1.85 -45.38 -26.57
CA THR B 280 2.00 -46.52 -25.68
C THR B 280 2.33 -46.26 -24.22
N THR B 281 2.09 -45.03 -23.75
CA THR B 281 2.34 -44.73 -22.35
C THR B 281 1.55 -45.76 -21.54
N PRO B 282 2.22 -46.52 -20.67
CA PRO B 282 1.56 -47.54 -19.85
C PRO B 282 0.83 -47.00 -18.63
N TRP B 283 -0.14 -46.11 -18.85
CA TRP B 283 -0.94 -45.53 -17.78
C TRP B 283 -1.33 -46.52 -16.68
N ASN B 284 -1.78 -47.70 -17.10
CA ASN B 284 -2.27 -48.70 -16.18
C ASN B 284 -1.27 -49.21 -15.17
N ILE B 285 0.04 -49.12 -15.43
CA ILE B 285 0.95 -49.61 -14.40
C ILE B 285 1.15 -48.60 -13.29
N PHE B 286 0.81 -47.33 -13.54
CA PHE B 286 0.96 -46.30 -12.51
C PHE B 286 -0.31 -46.27 -11.68
N PRO B 287 -0.17 -46.07 -10.35
CA PRO B 287 -1.30 -46.04 -9.42
C PRO B 287 -2.05 -44.72 -9.37
N VAL B 288 -3.31 -44.77 -8.96
CA VAL B 288 -4.07 -43.53 -8.81
C VAL B 288 -3.67 -43.05 -7.42
N ILE B 289 -3.82 -41.76 -7.16
CA ILE B 289 -3.51 -41.21 -5.83
C ILE B 289 -4.75 -40.54 -5.24
N SER B 290 -5.03 -40.83 -3.97
CA SER B 290 -6.18 -40.26 -3.29
C SER B 290 -5.75 -39.46 -2.08
N LEU B 291 -6.28 -38.24 -1.99
CA LEU B 291 -6.01 -37.35 -0.88
C LEU B 291 -7.35 -37.16 -0.20
N TYR B 292 -7.41 -37.46 1.09
CA TYR B 292 -8.64 -37.29 1.83
C TYR B 292 -8.56 -35.94 2.52
N LEU B 293 -9.63 -35.16 2.41
CA LEU B 293 -9.68 -33.83 2.99
C LEU B 293 -10.74 -33.75 4.06
N MET B 294 -10.52 -32.90 5.05
CA MET B 294 -11.48 -32.71 6.12
C MET B 294 -12.77 -32.19 5.51
N GLY B 295 -13.90 -32.70 5.97
CA GLY B 295 -15.17 -32.24 5.45
C GLY B 295 -15.69 -31.11 6.31
N GLU B 296 -16.85 -30.57 5.99
CA GLU B 296 -17.40 -29.50 6.82
C GLU B 296 -18.22 -30.10 7.96
N VAL B 297 -18.77 -31.27 7.71
CA VAL B 297 -19.57 -31.98 8.70
C VAL B 297 -18.63 -32.64 9.68
N THR B 298 -18.97 -32.61 10.97
CA THR B 298 -18.10 -33.20 11.97
C THR B 298 -17.84 -34.68 11.75
N ASN B 299 -16.58 -35.08 11.85
CA ASN B 299 -16.15 -36.47 11.67
C ASN B 299 -16.36 -37.00 10.26
N GLN B 300 -16.53 -36.08 9.33
CA GLN B 300 -16.74 -36.45 7.94
C GLN B 300 -15.58 -35.98 7.07
N SER B 301 -15.27 -36.75 6.05
CA SER B 301 -14.21 -36.37 5.13
C SER B 301 -14.61 -36.86 3.75
N PHE B 302 -13.91 -36.40 2.72
CA PHE B 302 -14.20 -36.85 1.38
C PHE B 302 -12.84 -37.02 0.74
N ARG B 303 -12.78 -37.58 -0.45
CA ARG B 303 -11.48 -37.73 -1.07
C ARG B 303 -11.47 -37.30 -2.52
N ILE B 304 -10.28 -36.97 -3.01
CA ILE B 304 -10.08 -36.60 -4.40
C ILE B 304 -9.00 -37.56 -4.90
N THR B 305 -9.23 -38.10 -6.09
CA THR B 305 -8.34 -39.08 -6.67
C THR B 305 -7.87 -38.63 -8.04
N ILE B 306 -6.57 -38.58 -8.22
CA ILE B 306 -6.03 -38.18 -9.51
C ILE B 306 -5.33 -39.38 -10.11
N LEU B 307 -5.12 -39.30 -11.41
CA LEU B 307 -4.53 -40.36 -12.19
C LEU B 307 -3.10 -39.97 -12.58
N PRO B 308 -2.34 -40.93 -13.15
CA PRO B 308 -0.98 -40.57 -13.57
C PRO B 308 -1.13 -39.56 -14.72
N GLN B 309 -2.31 -39.52 -15.35
CA GLN B 309 -2.53 -38.54 -16.42
C GLN B 309 -2.43 -37.13 -15.78
N GLN B 310 -2.60 -37.06 -14.45
CA GLN B 310 -2.46 -35.77 -13.79
C GLN B 310 -1.05 -35.60 -13.26
N TYR B 311 -0.48 -36.63 -12.64
CA TYR B 311 0.85 -36.41 -12.06
C TYR B 311 2.06 -36.66 -12.92
N LEU B 312 1.85 -37.02 -14.18
CA LEU B 312 2.98 -37.18 -15.11
C LEU B 312 2.78 -35.98 -16.06
N ARG B 313 3.62 -34.95 -15.95
CA ARG B 313 3.48 -33.76 -16.79
C ARG B 313 4.01 -33.93 -18.21
N PRO B 314 3.17 -33.69 -19.22
CA PRO B 314 3.65 -33.84 -20.60
C PRO B 314 4.74 -32.78 -20.91
N VAL B 315 5.84 -33.23 -21.53
CA VAL B 315 6.93 -32.35 -21.93
C VAL B 315 7.46 -32.80 -23.29
N GLU B 316 7.93 -31.86 -24.08
CA GLU B 316 8.44 -32.21 -25.41
C GLU B 316 9.71 -33.07 -25.32
N ASP B 317 9.82 -34.02 -26.23
CA ASP B 317 10.96 -34.92 -26.24
C ASP B 317 12.26 -34.17 -26.35
N VAL B 318 13.32 -34.76 -25.81
CA VAL B 318 14.65 -34.17 -25.87
C VAL B 318 15.03 -33.93 -27.34
N ALA B 319 14.59 -34.84 -28.21
CA ALA B 319 14.87 -34.77 -29.64
C ALA B 319 13.66 -34.42 -30.49
N THR B 320 12.63 -33.87 -29.87
CA THR B 320 11.40 -33.47 -30.56
C THR B 320 10.76 -34.58 -31.42
N SER B 321 11.09 -35.84 -31.13
CA SER B 321 10.57 -37.00 -31.87
C SER B 321 9.06 -37.20 -31.67
N GLN B 322 8.56 -38.34 -32.15
CA GLN B 322 7.13 -38.63 -32.00
C GLN B 322 6.78 -39.39 -30.72
N ASP B 323 7.78 -39.60 -29.86
CA ASP B 323 7.52 -40.28 -28.60
C ASP B 323 6.66 -39.42 -27.69
N ASP B 324 5.94 -40.05 -26.78
CA ASP B 324 5.13 -39.35 -25.82
C ASP B 324 5.99 -39.34 -24.56
N CYS B 325 6.37 -38.14 -24.12
CA CYS B 325 7.25 -37.98 -22.97
C CYS B 325 6.64 -37.22 -21.80
N TYR B 326 7.14 -37.49 -20.60
CA TYR B 326 6.64 -36.85 -19.37
C TYR B 326 7.70 -36.70 -18.28
N LYS B 327 7.39 -35.82 -17.31
CA LYS B 327 8.23 -35.62 -16.13
C LYS B 327 7.32 -35.98 -14.96
N PHE B 328 7.92 -36.50 -13.90
CA PHE B 328 7.19 -36.89 -12.69
C PHE B 328 6.92 -35.59 -11.95
N ALA B 329 5.65 -35.20 -11.86
CA ALA B 329 5.23 -33.94 -11.24
C ALA B 329 4.89 -33.96 -9.75
N ILE B 330 5.57 -34.81 -9.01
CA ILE B 330 5.41 -34.90 -7.57
C ILE B 330 6.83 -34.69 -7.04
N SER B 331 6.99 -33.73 -6.14
CA SER B 331 8.33 -33.47 -5.62
C SER B 331 8.27 -33.20 -4.13
N GLN B 332 9.44 -33.18 -3.51
CA GLN B 332 9.51 -32.95 -2.08
C GLN B 332 9.47 -31.50 -1.69
N SER B 333 9.09 -31.26 -0.45
CA SER B 333 8.95 -29.91 0.07
C SER B 333 9.38 -29.85 1.52
N SER B 334 9.90 -28.70 1.91
CA SER B 334 10.32 -28.48 3.28
C SER B 334 9.43 -27.36 3.83
N THR B 335 8.40 -27.01 3.07
CA THR B 335 7.47 -25.97 3.51
C THR B 335 6.01 -26.40 3.42
N GLY B 336 5.78 -27.69 3.57
CA GLY B 336 4.43 -28.22 3.57
C GLY B 336 3.94 -28.75 2.23
N THR B 337 2.73 -29.25 2.23
CA THR B 337 2.16 -29.77 1.01
C THR B 337 1.67 -28.63 0.14
N VAL B 338 1.85 -28.77 -1.18
CA VAL B 338 1.34 -27.78 -2.10
C VAL B 338 0.51 -28.54 -3.12
N MET B 339 -0.77 -28.22 -3.21
CA MET B 339 -1.60 -28.87 -4.19
C MET B 339 -1.52 -27.97 -5.42
N GLY B 340 -0.54 -28.28 -6.25
CA GLY B 340 -0.29 -27.52 -7.46
C GLY B 340 -1.20 -27.71 -8.66
N ALA B 341 -0.80 -27.06 -9.75
CA ALA B 341 -1.53 -27.09 -11.00
C ALA B 341 -1.83 -28.49 -11.51
N VAL B 342 -0.85 -29.40 -11.42
CA VAL B 342 -1.11 -30.74 -11.92
C VAL B 342 -2.21 -31.41 -11.13
N ILE B 343 -2.37 -31.08 -9.86
CA ILE B 343 -3.49 -31.66 -9.11
C ILE B 343 -4.78 -30.89 -9.47
N MET B 344 -4.69 -29.56 -9.53
CA MET B 344 -5.86 -28.74 -9.85
C MET B 344 -6.43 -29.05 -11.23
N GLU B 345 -5.59 -29.58 -12.12
CA GLU B 345 -6.06 -29.93 -13.46
C GLU B 345 -7.09 -31.04 -13.45
N GLY B 346 -7.15 -31.80 -12.36
CA GLY B 346 -8.10 -32.90 -12.29
C GLY B 346 -9.47 -32.45 -11.84
N PHE B 347 -9.53 -31.27 -11.22
CA PHE B 347 -10.78 -30.78 -10.66
C PHE B 347 -11.17 -29.35 -10.94
N TYR B 348 -12.44 -29.05 -10.66
CA TYR B 348 -12.97 -27.69 -10.78
C TYR B 348 -12.84 -27.28 -9.32
N VAL B 349 -12.10 -26.21 -9.06
CA VAL B 349 -11.89 -25.80 -7.69
C VAL B 349 -12.54 -24.47 -7.34
N VAL B 350 -13.44 -24.50 -6.36
CA VAL B 350 -14.18 -23.32 -5.93
C VAL B 350 -13.59 -22.67 -4.68
N PHE B 351 -13.08 -21.46 -4.83
CA PHE B 351 -12.51 -20.73 -3.70
C PHE B 351 -13.63 -19.86 -3.12
N ASP B 352 -14.47 -20.49 -2.31
CA ASP B 352 -15.60 -19.82 -1.70
C ASP B 352 -15.13 -19.05 -0.45
N ARG B 353 -14.51 -17.89 -0.68
CA ARG B 353 -13.99 -17.05 0.40
C ARG B 353 -15.12 -16.68 1.38
N ALA B 354 -16.28 -16.36 0.83
CA ALA B 354 -17.43 -16.00 1.64
C ALA B 354 -17.71 -17.02 2.73
N ARG B 355 -17.72 -18.30 2.38
CA ARG B 355 -18.02 -19.33 3.35
C ARG B 355 -16.80 -20.05 3.89
N LYS B 356 -15.63 -19.42 3.71
CA LYS B 356 -14.34 -19.92 4.19
C LYS B 356 -14.15 -21.43 3.97
N ARG B 357 -14.33 -21.85 2.72
CA ARG B 357 -14.19 -23.26 2.35
C ARG B 357 -13.73 -23.36 0.89
N ILE B 358 -13.26 -24.53 0.50
CA ILE B 358 -12.80 -24.75 -0.87
C ILE B 358 -13.50 -25.98 -1.47
N GLY B 359 -14.18 -25.78 -2.58
CA GLY B 359 -14.90 -26.88 -3.20
C GLY B 359 -14.12 -27.59 -4.29
N PHE B 360 -14.36 -28.90 -4.39
CA PHE B 360 -13.71 -29.74 -5.39
C PHE B 360 -14.73 -30.58 -6.14
N ALA B 361 -14.64 -30.57 -7.47
CA ALA B 361 -15.51 -31.42 -8.29
C ALA B 361 -14.66 -31.94 -9.44
N VAL B 362 -15.04 -33.08 -10.00
CA VAL B 362 -14.32 -33.67 -11.11
C VAL B 362 -14.40 -32.65 -12.24
N SER B 363 -13.26 -32.35 -12.87
CA SER B 363 -13.26 -31.38 -13.94
C SER B 363 -13.79 -31.94 -15.23
N ALA B 364 -14.60 -31.15 -15.91
CA ALA B 364 -15.15 -31.56 -17.18
C ALA B 364 -14.02 -31.59 -18.21
N CYS B 365 -12.84 -31.10 -17.85
CA CYS B 365 -11.74 -31.11 -18.80
C CYS B 365 -10.53 -31.90 -18.32
N HIS B 366 -10.66 -32.72 -17.28
CA HIS B 366 -9.49 -33.48 -16.85
C HIS B 366 -9.15 -34.61 -17.83
N VAL B 367 -7.86 -34.91 -17.96
CA VAL B 367 -7.40 -35.96 -18.85
C VAL B 367 -7.54 -37.34 -18.17
N HIS B 368 -8.02 -38.34 -18.92
CA HIS B 368 -8.14 -39.70 -18.40
C HIS B 368 -8.15 -40.72 -19.56
N ASP B 369 -8.36 -42.00 -19.27
CA ASP B 369 -8.40 -43.03 -20.31
C ASP B 369 -9.74 -43.75 -20.23
N GLU B 370 -9.93 -44.80 -21.02
CA GLU B 370 -11.22 -45.50 -21.00
C GLU B 370 -11.45 -46.39 -19.79
N PHE B 371 -10.41 -46.57 -18.99
CA PHE B 371 -10.53 -47.45 -17.82
C PHE B 371 -10.70 -46.78 -16.45
N ARG B 372 -10.16 -45.56 -16.31
CA ARG B 372 -10.19 -44.83 -15.03
C ARG B 372 -10.51 -43.35 -15.22
N THR B 373 -11.01 -42.70 -14.18
CA THR B 373 -11.30 -41.28 -14.24
C THR B 373 -10.91 -40.62 -12.93
N ALA B 374 -10.72 -39.30 -12.93
CA ALA B 374 -10.42 -38.61 -11.67
C ALA B 374 -11.72 -38.73 -10.87
N ALA B 375 -11.67 -38.56 -9.56
CA ALA B 375 -12.91 -38.68 -8.77
C ALA B 375 -12.93 -37.84 -7.49
N VAL B 376 -14.12 -37.47 -7.06
CA VAL B 376 -14.31 -36.74 -5.82
C VAL B 376 -15.47 -37.53 -5.21
N GLU B 377 -15.24 -38.13 -4.06
CA GLU B 377 -16.24 -38.97 -3.43
C GLU B 377 -16.24 -38.81 -1.93
N GLY B 378 -17.39 -39.12 -1.34
CA GLY B 378 -17.54 -39.02 0.10
C GLY B 378 -18.92 -39.51 0.49
N PRO B 379 -19.26 -39.51 1.79
CA PRO B 379 -18.41 -39.09 2.90
C PRO B 379 -17.74 -40.31 3.53
N PHE B 380 -16.72 -40.08 4.35
CA PHE B 380 -16.06 -41.17 5.04
C PHE B 380 -16.00 -40.75 6.48
N VAL B 381 -16.22 -41.68 7.39
CA VAL B 381 -16.16 -41.38 8.81
C VAL B 381 -14.71 -41.38 9.31
N THR B 382 -14.14 -40.20 9.50
CA THR B 382 -12.78 -40.11 10.03
C THR B 382 -12.83 -39.29 11.32
N LEU B 383 -12.06 -39.70 12.32
CA LEU B 383 -12.07 -38.99 13.60
C LEU B 383 -10.83 -38.13 13.86
N ASP B 384 -10.94 -37.26 14.86
CA ASP B 384 -9.86 -36.37 15.27
C ASP B 384 -9.14 -35.71 14.10
N MET B 385 -9.93 -35.17 13.17
CA MET B 385 -9.37 -34.52 11.99
C MET B 385 -8.58 -33.23 12.31
N GLU B 386 -9.06 -32.43 13.25
CA GLU B 386 -8.34 -31.20 13.59
C GLU B 386 -6.93 -31.55 14.07
N ASP B 387 -6.77 -32.77 14.59
CA ASP B 387 -5.48 -33.26 15.08
C ASP B 387 -4.44 -33.33 13.97
N CYS B 388 -4.91 -33.39 12.73
CA CYS B 388 -4.03 -33.48 11.58
C CYS B 388 -3.39 -32.14 11.27
N GLY B 389 -4.00 -31.07 11.79
CA GLY B 389 -3.48 -29.74 11.58
C GLY B 389 -2.20 -29.56 12.37
N TYR B 390 -1.27 -28.79 11.82
CA TYR B 390 -0.02 -28.57 12.50
C TYR B 390 -0.04 -27.21 13.17
N ASN B 391 0.56 -27.12 14.35
CA ASN B 391 0.62 -25.88 15.11
C ASN B 391 2.03 -25.32 15.21
N GLU C 1 -8.70 21.54 7.08
CA GLU C 1 -9.72 21.56 8.16
C GLU C 1 -9.07 21.91 9.52
N LEU C 2 -7.74 21.94 9.57
CA LEU C 2 -7.04 22.31 10.80
C LEU C 2 -6.66 23.78 10.82
N ASP C 3 -6.82 24.41 11.98
CA ASP C 3 -6.46 25.81 12.15
C ASP C 3 -5.85 25.99 13.53
C1 1OL C 4 -6.00 23.55 16.77
C2 1OL C 4 -4.71 21.63 15.79
C3 1OL C 4 -5.08 23.10 15.61
C4 1OL C 4 -3.82 23.99 15.58
N 1OL C 4 -4.71 25.34 13.76
CA 1OL C 4 -4.08 25.41 15.06
C6 1OL C 4 -2.77 26.25 15.07
O1 1OL C 4 -1.77 25.64 14.25
C7 1OL C 4 -3.04 27.67 14.59
C8 1OL C 4 -2.20 28.79 15.21
C9 1OL C 4 -2.13 29.98 14.25
C 1OL C 4 -2.85 29.22 16.53
O 1OL C 4 -4.06 29.43 16.59
N VAL C 5 -2.06 29.34 17.59
CA VAL C 5 -2.60 29.85 18.85
C VAL C 5 -2.91 31.34 18.72
N GLU C 6 -3.91 31.82 19.45
CA GLU C 6 -4.26 33.24 19.40
C GLU C 6 -3.32 33.96 20.35
N PHE C 7 -3.00 35.22 20.04
CA PHE C 7 -2.12 35.99 20.92
C PHE C 7 -2.82 37.28 21.37
N GLU D 1 8.32 -26.76 -12.69
CA GLU D 1 8.74 -25.56 -13.49
C GLU D 1 8.43 -24.27 -12.70
N LEU D 2 7.17 -24.09 -12.24
CA LEU D 2 6.81 -22.91 -11.46
C LEU D 2 6.64 -23.23 -9.98
N ASP D 3 7.04 -22.29 -9.14
CA ASP D 3 6.92 -22.43 -7.69
C ASP D 3 6.65 -21.06 -7.10
C1 1OL D 4 6.99 -17.13 -8.63
C2 1OL D 4 5.32 -17.33 -10.47
C3 1OL D 4 5.90 -18.00 -9.23
C4 1OL D 4 4.79 -18.24 -8.19
N 1OL D 4 5.54 -20.46 -7.49
CA 1OL D 4 5.18 -19.14 -7.01
C6 1OL D 4 4.06 -19.18 -5.95
O1 1OL D 4 2.85 -19.66 -6.56
C7 1OL D 4 4.45 -20.08 -4.77
C8 1OL D 4 3.92 -19.65 -3.40
C9 1OL D 4 3.79 -20.88 -2.47
C 1OL D 4 4.86 -18.61 -2.78
O 1OL D 4 6.10 -18.74 -2.82
N VAL D 5 4.28 -17.55 -2.21
CA VAL D 5 5.11 -16.54 -1.56
C VAL D 5 5.63 -17.05 -0.21
N GLU D 6 6.85 -16.68 0.13
CA GLU D 6 7.43 -17.08 1.41
C GLU D 6 6.81 -16.21 2.50
N PHE D 7 6.70 -16.73 3.72
CA PHE D 7 6.14 -15.94 4.82
C PHE D 7 6.83 -16.25 6.14
#